data_5XKP
#
_entry.id   5XKP
#
_cell.length_a   52.621
_cell.length_b   108.831
_cell.length_c   62.076
_cell.angle_alpha   90.00
_cell.angle_beta   89.95
_cell.angle_gamma   90.00
#
_symmetry.space_group_name_H-M   'P 1 21 1'
#
loop_
_entity.id
_entity.type
_entity.pdbx_description
1 polymer 'CMP/dCMP deaminase, zinc-binding protein'
2 non-polymer 6-amino-1,3,5-triazin-2(1H)-one
3 non-polymer 'ZINC ION'
4 non-polymer GLYCEROL
5 non-polymer 'ACETATE ION'
6 water water
#
_entity_poly.entity_id   1
_entity_poly.type   'polypeptide(L)'
_entity_poly.pdbx_seq_one_letter_code
;AISDADLKYLRRCVDLAREALDDGDEPFGSVLVDHTGTTLFEDRNRVKDGDATAHPEFAIARWAARHLTPDRRARATVYT
SGEHCPMCAAAHAWVGLGRIVYATSSAQLGGWLTEWGAQAPPVATLPINTVAPGVVVDGPAEELAETMHNLYRAKFGR
;
_entity_poly.pdbx_strand_id   A,B,C,D
#
loop_
_chem_comp.id
_chem_comp.type
_chem_comp.name
_chem_comp.formula
5AZ non-polymer 6-amino-1,3,5-triazin-2(1H)-one 'C3 H4 N4 O'
ACT non-polymer 'ACETATE ION' 'C2 H3 O2 -1'
GOL non-polymer GLYCEROL 'C3 H8 O3'
ZN non-polymer 'ZINC ION' 'Zn 2'
#
# COMPACT_ATOMS: atom_id res chain seq x y z
N ALA A 1 16.18 -18.24 36.18
CA ALA A 1 17.40 -17.88 35.37
C ALA A 1 17.25 -16.62 34.54
N ILE A 2 17.64 -15.48 35.13
CA ILE A 2 18.04 -14.30 34.36
C ILE A 2 19.56 -14.14 34.48
N SER A 3 20.28 -14.37 33.39
CA SER A 3 21.73 -14.45 33.43
C SER A 3 22.42 -13.10 33.60
N ASP A 4 23.66 -13.14 34.10
CA ASP A 4 24.53 -11.95 34.23
C ASP A 4 24.65 -11.12 32.97
N ALA A 5 24.58 -11.79 31.80
CA ALA A 5 24.48 -11.16 30.47
C ALA A 5 23.15 -10.42 30.21
N ASP A 6 22.02 -11.10 30.49
CA ASP A 6 20.70 -10.51 30.40
C ASP A 6 20.64 -9.21 31.17
N LEU A 7 21.04 -9.27 32.45
CA LEU A 7 21.11 -8.07 33.31
C LEU A 7 21.79 -6.89 32.61
N LYS A 8 22.94 -7.16 31.98
CA LYS A 8 23.69 -6.16 31.22
C LYS A 8 22.77 -5.43 30.24
N TYR A 9 21.95 -6.20 29.53
CA TYR A 9 20.97 -5.62 28.59
C TYR A 9 19.77 -4.94 29.27
N LEU A 10 19.26 -5.51 30.36
CA LEU A 10 18.17 -4.89 31.10
C LEU A 10 18.61 -3.55 31.68
N ARG A 11 19.83 -3.47 32.18
CA ARG A 11 20.39 -2.19 32.65
C ARG A 11 20.40 -1.15 31.51
N ARG A 12 20.78 -1.59 30.32
CA ARG A 12 20.79 -0.75 29.12
C ARG A 12 19.38 -0.26 28.77
N CYS A 13 18.39 -1.13 28.91
CA CYS A 13 16.99 -0.78 28.73
C CYS A 13 16.54 0.29 29.75
N VAL A 14 17.00 0.12 30.98
CA VAL A 14 16.72 1.09 32.03
C VAL A 14 17.35 2.46 31.71
N ASP A 15 18.59 2.44 31.23
CA ASP A 15 19.24 3.67 30.73
C ASP A 15 18.36 4.36 29.67
N LEU A 16 17.84 3.56 28.73
CA LEU A 16 16.93 4.04 27.67
C LEU A 16 15.60 4.56 28.18
N ALA A 17 15.05 3.89 29.20
CA ALA A 17 13.87 4.39 29.85
C ALA A 17 14.15 5.74 30.50
N ARG A 18 15.33 5.87 31.15
CA ARG A 18 15.74 7.16 31.71
C ARG A 18 15.82 8.21 30.64
N GLU A 19 16.47 7.84 29.55
CA GLU A 19 16.60 8.72 28.40
C GLU A 19 15.22 9.24 27.92
N ALA A 20 14.25 8.34 27.86
CA ALA A 20 12.91 8.70 27.45
C ALA A 20 12.32 9.71 28.41
N LEU A 21 12.40 9.40 29.71
CA LEU A 21 11.90 10.28 30.77
C LEU A 21 12.46 11.71 30.65
N ASP A 22 13.78 11.81 30.57
CA ASP A 22 14.47 13.10 30.44
C ASP A 22 13.96 13.93 29.25
N ASP A 23 13.72 13.29 28.10
CA ASP A 23 13.14 13.96 26.90
C ASP A 23 11.62 14.21 27.03
N GLY A 24 11.00 13.85 28.15
CA GLY A 24 9.58 14.15 28.40
C GLY A 24 8.62 13.02 28.11
N ASP A 25 9.15 11.85 27.77
CA ASP A 25 8.33 10.69 27.41
C ASP A 25 8.17 9.78 28.61
N GLU A 26 7.38 8.72 28.46
CA GLU A 26 7.18 7.73 29.50
C GLU A 26 8.41 6.81 29.57
N PRO A 27 8.80 6.37 30.79
CA PRO A 27 10.05 5.63 30.92
C PRO A 27 9.93 4.13 30.52
N PHE A 28 10.14 3.90 29.24
CA PHE A 28 10.21 2.55 28.70
C PHE A 28 11.33 2.46 27.68
N GLY A 29 12.19 1.47 27.86
CA GLY A 29 13.30 1.21 26.96
C GLY A 29 13.28 -0.24 26.56
N SER A 30 13.67 -0.51 25.32
CA SER A 30 13.78 -1.89 24.83
C SER A 30 14.89 -2.05 23.81
N VAL A 31 15.37 -3.28 23.69
CA VAL A 31 16.59 -3.58 22.95
C VAL A 31 16.48 -4.94 22.26
N LEU A 32 16.78 -4.93 20.95
CA LEU A 32 16.76 -6.12 20.12
C LEU A 32 18.17 -6.69 19.99
N VAL A 33 18.31 -7.97 20.31
CA VAL A 33 19.62 -8.62 20.25
C VAL A 33 19.57 -9.98 19.57
N ASP A 34 20.38 -10.10 18.52
CA ASP A 34 20.57 -11.31 17.72
C ASP A 34 21.26 -12.43 18.47
N HIS A 35 21.04 -13.65 18.02
CA HIS A 35 21.55 -14.84 18.75
C HIS A 35 23.05 -14.76 18.98
N THR A 36 23.79 -14.14 18.06
CA THR A 36 25.24 -13.86 18.26
C THR A 36 25.59 -13.11 19.54
N GLY A 37 24.76 -12.13 19.88
CA GLY A 37 25.04 -11.14 20.91
C GLY A 37 25.08 -9.73 20.38
N THR A 38 25.13 -9.57 19.06
CA THR A 38 25.21 -8.24 18.48
C THR A 38 23.84 -7.54 18.61
N THR A 39 23.84 -6.34 19.17
CA THR A 39 22.65 -5.53 19.41
C THR A 39 22.19 -4.86 18.13
N LEU A 40 21.07 -5.30 17.58
CA LEU A 40 20.63 -4.85 16.26
C LEU A 40 19.83 -3.56 16.30
N PHE A 41 19.05 -3.36 17.35
CA PHE A 41 18.21 -2.16 17.42
C PHE A 41 17.87 -1.79 18.87
N GLU A 42 17.91 -0.48 19.14
CA GLU A 42 17.60 0.08 20.46
C GLU A 42 16.54 1.13 20.29
N ASP A 43 15.59 1.14 21.22
CA ASP A 43 14.53 2.15 21.17
C ASP A 43 13.95 2.45 22.56
N ARG A 44 13.16 3.52 22.61
CA ARG A 44 12.43 3.95 23.79
C ARG A 44 11.12 4.62 23.39
N ASN A 45 10.30 4.91 24.39
CA ASN A 45 8.96 5.49 24.22
C ASN A 45 9.01 6.85 23.55
N ARG A 46 8.03 7.11 22.67
CA ARG A 46 7.97 8.35 21.86
C ARG A 46 6.54 8.88 21.73
N VAL A 47 5.83 8.84 22.84
CA VAL A 47 4.42 9.22 22.87
C VAL A 47 4.16 10.74 22.70
N LYS A 48 5.06 11.59 23.21
CA LYS A 48 5.11 13.02 22.90
C LYS A 48 5.26 13.32 21.41
N GLY A 50 4.23 10.73 19.21
CA GLY A 50 3.11 10.89 18.27
C GLY A 50 1.82 10.30 18.78
N ASP A 51 1.52 9.05 18.42
CA ASP A 51 0.36 8.35 18.99
C ASP A 51 0.76 7.72 20.34
N ALA A 52 -0.25 7.36 21.12
CA ALA A 52 -0.06 6.61 22.37
C ALA A 52 0.47 5.18 22.12
N THR A 53 0.46 4.75 20.85
CA THR A 53 0.99 3.44 20.44
C THR A 53 2.52 3.39 20.20
N ALA A 54 3.20 4.54 20.31
CA ALA A 54 4.65 4.63 20.00
C ALA A 54 5.52 3.97 21.08
N HIS A 55 5.41 2.65 21.19
CA HIS A 55 6.12 1.88 22.20
C HIS A 55 7.33 1.30 21.53
N PRO A 56 8.43 1.17 22.27
CA PRO A 56 9.65 0.63 21.68
C PRO A 56 9.49 -0.83 21.26
N GLU A 57 8.84 -1.64 22.10
CA GLU A 57 8.72 -3.06 21.82
C GLU A 57 8.00 -3.32 20.50
N PHE A 58 6.98 -2.49 20.19
CA PHE A 58 6.27 -2.51 18.89
C PHE A 58 7.18 -2.07 17.73
N ALA A 59 7.89 -0.95 17.93
CA ALA A 59 8.88 -0.47 16.95
C ALA A 59 9.96 -1.51 16.61
N ILE A 60 10.32 -2.33 17.58
CA ILE A 60 11.22 -3.44 17.34
C ILE A 60 10.51 -4.48 16.49
N ALA A 61 9.29 -4.84 16.85
CA ALA A 61 8.54 -5.81 16.08
C ALA A 61 8.50 -5.49 14.59
N ARG A 62 8.33 -4.21 14.25
CA ARG A 62 8.25 -3.82 12.84
C ARG A 62 9.61 -3.76 12.19
N TRP A 63 10.58 -3.23 12.92
CA TRP A 63 11.98 -3.28 12.51
C TRP A 63 12.38 -4.74 12.28
N ALA A 64 12.03 -5.65 13.18
CA ALA A 64 12.34 -7.07 13.00
C ALA A 64 11.79 -7.62 11.67
N ALA A 65 10.58 -7.23 11.31
CA ALA A 65 9.99 -7.64 10.02
C ALA A 65 10.60 -6.93 8.82
N ARG A 66 10.95 -5.65 8.98
CA ARG A 66 11.54 -4.84 7.87
C ARG A 66 12.93 -5.30 7.44
N HIS A 67 13.82 -5.65 8.38
CA HIS A 67 15.24 -5.93 8.11
C HIS A 67 15.76 -7.35 8.38
N LEU A 68 15.03 -8.20 9.12
CA LEU A 68 15.52 -9.57 9.41
C LEU A 68 14.74 -10.61 8.67
N THR A 69 15.28 -11.83 8.59
CA THR A 69 14.54 -12.92 7.97
C THR A 69 13.81 -13.69 9.09
N PRO A 70 12.71 -14.39 8.77
CA PRO A 70 11.92 -15.12 9.79
C PRO A 70 12.75 -16.02 10.72
N ASP A 71 13.77 -16.65 10.16
CA ASP A 71 14.70 -17.52 10.92
C ASP A 71 15.56 -16.76 11.95
N ARG A 72 16.02 -15.58 11.57
CA ARG A 72 16.72 -14.67 12.47
C ARG A 72 15.87 -14.20 13.64
N ARG A 73 14.65 -13.79 13.33
CA ARG A 73 13.71 -13.28 14.32
C ARG A 73 13.50 -14.24 15.46
N ALA A 74 13.25 -15.50 15.10
CA ALA A 74 13.00 -16.53 16.10
C ALA A 74 14.22 -16.75 17.00
N ARG A 75 15.40 -16.58 16.40
CA ARG A 75 16.66 -16.67 17.17
C ARG A 75 17.05 -15.44 17.97
N ALA A 76 16.34 -14.33 17.75
CA ALA A 76 16.56 -13.11 18.48
C ALA A 76 15.94 -13.09 19.89
N THR A 77 16.36 -12.11 20.67
CA THR A 77 15.80 -11.83 22.01
C THR A 77 15.52 -10.34 22.11
N VAL A 78 14.43 -10.01 22.84
CA VAL A 78 14.02 -8.63 23.07
C VAL A 78 14.05 -8.38 24.58
N TYR A 79 14.91 -7.46 24.99
CA TYR A 79 14.92 -7.00 26.38
C TYR A 79 14.06 -5.76 26.53
N THR A 80 13.45 -5.59 27.70
CA THR A 80 12.66 -4.40 27.96
C THR A 80 12.64 -4.04 29.45
N SER A 81 12.61 -2.73 29.71
CA SER A 81 12.55 -2.19 31.06
C SER A 81 11.28 -2.70 31.72
N GLY A 82 10.16 -2.54 31.02
CA GLY A 82 8.84 -3.02 31.51
C GLY A 82 8.22 -4.03 30.56
N GLU A 83 7.69 -5.11 31.16
CA GLU A 83 6.92 -6.15 30.44
C GLU A 83 6.05 -5.58 29.33
N HIS A 84 6.13 -6.22 28.17
CA HIS A 84 5.35 -5.88 26.97
C HIS A 84 3.86 -5.72 27.30
N CYS A 85 3.23 -4.64 26.83
CA CYS A 85 1.76 -4.56 26.92
C CYS A 85 1.14 -5.39 25.79
N PRO A 86 -0.16 -5.72 25.90
CA PRO A 86 -0.79 -6.63 24.95
C PRO A 86 -0.61 -6.27 23.49
N MET A 87 -0.59 -4.99 23.18
CA MET A 87 -0.28 -4.54 21.82
C MET A 87 1.08 -5.08 21.40
N CYS A 88 2.06 -4.85 22.26
CA CYS A 88 3.47 -5.16 21.97
C CYS A 88 3.80 -6.66 21.97
N ALA A 89 3.14 -7.41 22.85
CA ALA A 89 3.31 -8.86 22.93
C ALA A 89 2.73 -9.54 21.70
N ALA A 90 1.55 -9.09 21.31
CA ALA A 90 0.86 -9.57 20.13
C ALA A 90 1.71 -9.31 18.91
N ALA A 91 2.20 -8.08 18.79
CA ALA A 91 3.06 -7.73 17.67
C ALA A 91 4.28 -8.63 17.61
N HIS A 92 4.98 -8.76 18.73
CA HIS A 92 6.13 -9.69 18.88
C HIS A 92 5.84 -11.12 18.38
N ALA A 93 4.69 -11.64 18.78
CA ALA A 93 4.27 -12.97 18.34
C ALA A 93 3.93 -13.01 16.86
N TRP A 94 3.22 -12.00 16.35
CA TRP A 94 2.82 -11.97 14.92
C TRP A 94 4.03 -11.99 13.99
N VAL A 95 5.05 -11.22 14.32
CA VAL A 95 6.30 -11.23 13.53
C VAL A 95 7.26 -12.38 13.90
N GLY A 96 6.89 -13.20 14.88
CA GLY A 96 7.60 -14.44 15.18
C GLY A 96 8.98 -14.22 15.75
N LEU A 97 9.08 -13.21 16.61
CA LEU A 97 10.27 -13.01 17.43
C LEU A 97 10.33 -14.07 18.52
N GLY A 98 11.49 -14.16 19.15
CA GLY A 98 11.80 -15.24 20.08
C GLY A 98 11.61 -14.85 21.53
N ARG A 99 12.69 -14.93 22.30
CA ARG A 99 12.65 -14.72 23.74
C ARG A 99 12.31 -13.29 24.09
N ILE A 100 11.67 -13.13 25.25
CA ILE A 100 11.48 -11.83 25.89
C ILE A 100 12.06 -11.87 27.31
N VAL A 101 12.84 -10.86 27.67
CA VAL A 101 13.25 -10.70 29.06
C VAL A 101 12.85 -9.32 29.52
N TYR A 102 12.28 -9.23 30.71
CA TYR A 102 11.76 -7.96 31.26
C TYR A 102 12.22 -7.68 32.68
N ALA A 103 12.49 -6.41 32.98
CA ALA A 103 13.04 -6.02 34.28
C ALA A 103 11.96 -5.84 35.33
N THR A 104 10.85 -5.19 34.99
CA THR A 104 9.63 -5.24 35.81
C THR A 104 8.46 -5.81 35.04
N SER A 105 7.57 -6.46 35.78
CA SER A 105 6.34 -7.00 35.21
C SER A 105 5.33 -5.87 35.07
N SER A 106 4.22 -6.19 34.40
CA SER A 106 3.12 -5.25 34.28
C SER A 106 2.20 -5.40 35.49
N ALA A 107 2.26 -6.55 36.14
CA ALA A 107 1.68 -6.69 37.48
C ALA A 107 2.29 -5.67 38.44
N GLN A 108 3.62 -5.61 38.47
CA GLN A 108 4.36 -4.63 39.32
C GLN A 108 3.91 -3.21 39.03
N LEU A 109 3.81 -2.88 37.75
CA LEU A 109 3.48 -1.54 37.32
C LEU A 109 2.07 -1.13 37.72
N GLY A 110 1.10 -2.03 37.50
CA GLY A 110 -0.29 -1.71 37.80
C GLY A 110 -0.56 -1.56 39.28
N GLY A 111 0.15 -2.37 40.07
CA GLY A 111 0.09 -2.24 41.50
C GLY A 111 0.55 -0.83 41.90
N TRP A 112 1.71 -0.41 41.41
CA TRP A 112 2.31 0.89 41.76
C TRP A 112 1.48 2.11 41.29
N LEU A 113 0.84 1.99 40.12
CA LEU A 113 -0.07 3.01 39.63
C LEU A 113 -1.23 3.15 40.57
N THR A 114 -1.80 2.03 40.98
CA THR A 114 -2.89 2.07 41.94
C THR A 114 -2.48 2.77 43.24
N GLU A 115 -1.27 2.47 43.73
CA GLU A 115 -0.71 3.15 44.91
C GLU A 115 -0.75 4.69 44.77
N TRP A 116 -0.37 5.17 43.58
CA TRP A 116 -0.31 6.61 43.28
C TRP A 116 -1.65 7.21 42.82
N GLY A 117 -2.75 6.46 42.89
CA GLY A 117 -4.04 6.93 42.39
C GLY A 117 -4.03 7.28 40.90
N ALA A 118 -3.11 6.70 40.15
CA ALA A 118 -2.96 7.01 38.72
C ALA A 118 -4.07 6.36 37.91
N GLN A 119 -4.41 7.04 36.82
CA GLN A 119 -5.42 6.61 35.88
C GLN A 119 -5.03 5.21 35.41
N ALA A 120 -5.89 4.23 35.75
CA ALA A 120 -5.67 2.84 35.33
C ALA A 120 -5.72 2.80 33.80
N PRO A 121 -4.66 2.22 33.17
CA PRO A 121 -4.67 2.30 31.69
C PRO A 121 -5.90 1.64 30.99
N PRO A 122 -6.25 2.13 29.76
CA PRO A 122 -7.37 1.56 28.98
C PRO A 122 -7.09 0.17 28.40
N VAL A 123 -5.81 -0.24 28.40
CA VAL A 123 -5.41 -1.60 28.09
C VAL A 123 -5.02 -2.33 29.38
N ALA A 124 -5.51 -3.56 29.51
CA ALA A 124 -5.31 -4.37 30.71
C ALA A 124 -3.88 -4.84 30.79
N THR A 125 -3.36 -4.91 32.01
CA THR A 125 -1.99 -5.29 32.26
C THR A 125 -1.92 -6.82 32.24
N LEU A 126 -2.06 -7.41 31.04
CA LEU A 126 -2.03 -8.87 30.87
C LEU A 126 -0.60 -9.34 30.73
N PRO A 127 -0.27 -10.51 31.34
CA PRO A 127 1.05 -11.11 31.12
C PRO A 127 1.24 -11.40 29.66
N ILE A 128 2.49 -11.52 29.26
CA ILE A 128 2.81 -11.75 27.87
C ILE A 128 2.21 -13.08 27.49
N ASN A 129 2.42 -14.09 28.31
CA ASN A 129 1.97 -15.44 27.95
C ASN A 129 0.44 -15.60 27.79
N THR A 130 -0.34 -14.74 28.45
CA THR A 130 -1.78 -14.67 28.18
C THR A 130 -2.14 -14.27 26.74
N VAL A 131 -1.36 -13.35 26.19
CA VAL A 131 -1.55 -12.83 24.82
C VAL A 131 -0.82 -13.69 23.78
N ALA A 132 0.45 -14.03 24.07
CA ALA A 132 1.32 -14.79 23.17
C ALA A 132 1.81 -16.06 23.88
N PRO A 133 1.02 -17.15 23.76
CA PRO A 133 1.23 -18.32 24.65
C PRO A 133 2.53 -19.07 24.45
N GLY A 134 3.06 -19.05 23.24
CA GLY A 134 4.26 -19.80 22.90
C GLY A 134 5.57 -19.04 22.94
N VAL A 135 5.56 -17.81 23.44
CA VAL A 135 6.79 -17.02 23.62
C VAL A 135 7.48 -17.48 24.91
N VAL A 136 8.81 -17.54 24.87
CA VAL A 136 9.59 -17.86 26.07
C VAL A 136 9.82 -16.55 26.80
N VAL A 137 9.47 -16.52 28.09
CA VAL A 137 9.48 -15.28 28.87
C VAL A 137 10.22 -15.45 30.17
N ASP A 138 11.27 -14.67 30.35
CA ASP A 138 11.94 -14.53 31.63
C ASP A 138 11.75 -13.08 32.10
N GLY A 139 11.93 -12.86 33.40
CA GLY A 139 11.61 -11.60 34.09
C GLY A 139 10.70 -11.92 35.26
N PRO A 140 10.53 -11.03 36.26
CA PRO A 140 11.24 -9.77 36.42
C PRO A 140 12.61 -9.90 37.08
N ALA A 141 13.38 -8.82 37.09
CA ALA A 141 14.70 -8.77 37.72
C ALA A 141 14.63 -8.04 39.08
N GLU A 142 14.93 -8.76 40.15
CA GLU A 142 14.80 -8.23 41.51
C GLU A 142 15.75 -7.07 41.74
N GLU A 143 16.93 -7.14 41.11
CA GLU A 143 17.96 -6.07 41.21
C GLU A 143 17.47 -4.75 40.68
N LEU A 144 16.63 -4.77 39.64
CA LEU A 144 16.15 -3.52 39.05
C LEU A 144 14.76 -3.06 39.51
N ALA A 145 14.17 -3.73 40.51
CA ALA A 145 12.80 -3.43 40.94
C ALA A 145 12.71 -2.04 41.56
N GLU A 146 13.59 -1.73 42.51
CA GLU A 146 13.61 -0.42 43.17
C GLU A 146 13.82 0.62 42.07
N THR A 147 14.90 0.46 41.30
CA THR A 147 15.23 1.40 40.24
C THR A 147 14.03 1.80 39.36
N MET A 148 13.31 0.78 38.91
CA MET A 148 12.11 0.99 38.09
C MET A 148 10.94 1.58 38.87
N HIS A 149 10.77 1.15 40.12
CA HIS A 149 9.74 1.74 40.94
C HIS A 149 9.94 3.26 40.97
N ASN A 150 11.19 3.68 41.11
CA ASN A 150 11.54 5.11 41.21
C ASN A 150 11.37 5.83 39.92
N LEU A 151 11.84 5.20 38.85
CA LEU A 151 11.62 5.70 37.52
C LEU A 151 10.13 5.91 37.19
N TYR A 152 9.33 4.88 37.44
CA TYR A 152 7.90 4.96 37.16
C TYR A 152 7.29 6.06 38.01
N ARG A 153 7.71 6.13 39.27
CA ARG A 153 7.21 7.17 40.20
C ARG A 153 7.45 8.56 39.61
N ALA A 154 8.66 8.79 39.11
CA ALA A 154 9.02 10.07 38.52
C ALA A 154 8.00 10.54 37.50
N LYS A 155 7.42 9.62 36.73
CA LYS A 155 6.43 9.96 35.69
C LYS A 155 4.97 9.72 36.07
N PHE A 156 4.71 8.81 37.00
CA PHE A 156 3.32 8.46 37.32
C PHE A 156 2.89 8.66 38.78
N GLY A 157 3.81 9.10 39.64
CA GLY A 157 3.49 9.41 41.04
C GLY A 157 2.67 10.65 41.17
N ARG A 158 1.83 10.75 42.22
CA ARG A 158 0.74 11.74 42.28
C ARG A 158 0.34 12.06 43.73
N ALA B 1 -26.95 -5.77 19.16
CA ALA B 1 -27.11 -4.36 18.67
C ALA B 1 -26.45 -4.24 17.25
N ILE B 2 -26.88 -5.11 16.32
CA ILE B 2 -26.49 -4.99 14.91
C ILE B 2 -27.65 -4.27 14.28
N SER B 3 -27.54 -2.95 14.16
CA SER B 3 -28.52 -2.20 13.41
C SER B 3 -28.35 -2.41 11.90
N ASP B 4 -29.43 -2.17 11.18
CA ASP B 4 -29.38 -2.16 9.72
C ASP B 4 -28.18 -1.35 9.18
N ALA B 5 -27.95 -0.19 9.78
CA ALA B 5 -26.86 0.69 9.35
C ALA B 5 -25.53 0.02 9.55
N ASP B 6 -25.33 -0.61 10.72
CA ASP B 6 -24.10 -1.38 11.02
C ASP B 6 -23.83 -2.43 9.97
N LEU B 7 -24.86 -3.25 9.68
CA LEU B 7 -24.76 -4.27 8.63
C LEU B 7 -24.20 -3.77 7.31
N LYS B 8 -24.71 -2.63 6.85
CA LYS B 8 -24.21 -1.97 5.63
C LYS B 8 -22.69 -1.85 5.66
N TYR B 9 -22.15 -1.39 6.80
CA TYR B 9 -20.70 -1.25 6.97
C TYR B 9 -19.97 -2.59 7.10
N LEU B 10 -20.57 -3.55 7.80
CA LEU B 10 -19.97 -4.90 7.93
C LEU B 10 -19.90 -5.61 6.56
N ARG B 11 -20.94 -5.46 5.74
CA ARG B 11 -20.92 -5.97 4.37
C ARG B 11 -19.77 -5.35 3.58
N ARG B 12 -19.56 -4.04 3.77
CA ARG B 12 -18.43 -3.30 3.16
C ARG B 12 -17.07 -3.83 3.63
N CYS B 13 -16.96 -4.15 4.92
CA CYS B 13 -15.77 -4.79 5.46
C CYS B 13 -15.51 -6.17 4.84
N VAL B 14 -16.59 -6.93 4.65
CA VAL B 14 -16.48 -8.24 4.01
C VAL B 14 -15.99 -8.09 2.56
N ASP B 15 -16.53 -7.13 1.83
CA ASP B 15 -16.07 -6.81 0.47
C ASP B 15 -14.56 -6.58 0.51
N LEU B 16 -14.12 -5.81 1.50
CA LEU B 16 -12.70 -5.52 1.69
C LEU B 16 -11.85 -6.75 2.05
N ALA B 17 -12.42 -7.63 2.87
CA ALA B 17 -11.75 -8.90 3.21
C ALA B 17 -11.63 -9.76 1.96
N ARG B 18 -12.67 -9.74 1.12
CA ARG B 18 -12.60 -10.39 -0.18
C ARG B 18 -11.50 -9.81 -1.05
N GLU B 19 -11.46 -8.46 -1.14
CA GLU B 19 -10.43 -7.76 -1.93
C GLU B 19 -9.03 -8.16 -1.48
N ALA B 20 -8.84 -8.29 -0.17
CA ALA B 20 -7.57 -8.75 0.39
C ALA B 20 -7.21 -10.17 -0.08
N LEU B 21 -8.13 -11.12 0.11
CA LEU B 21 -7.98 -12.52 -0.33
C LEU B 21 -7.53 -12.59 -1.78
N ASP B 22 -8.33 -11.99 -2.66
CA ASP B 22 -8.06 -12.01 -4.10
C ASP B 22 -6.64 -11.55 -4.39
N ASP B 23 -6.20 -10.49 -3.71
CA ASP B 23 -4.85 -9.95 -3.92
C ASP B 23 -3.74 -10.78 -3.22
N GLY B 24 -4.12 -11.87 -2.59
CA GLY B 24 -3.15 -12.79 -2.02
C GLY B 24 -2.83 -12.44 -0.58
N ASP B 25 -3.74 -11.76 0.12
CA ASP B 25 -3.60 -11.48 1.56
C ASP B 25 -4.62 -12.25 2.36
N GLU B 26 -4.57 -12.15 3.68
CA GLU B 26 -5.56 -12.76 4.58
C GLU B 26 -6.88 -11.96 4.57
N PRO B 27 -8.05 -12.64 4.62
CA PRO B 27 -9.32 -11.93 4.44
C PRO B 27 -9.78 -11.17 5.68
N PHE B 28 -9.26 -9.95 5.81
CA PHE B 28 -9.67 -9.05 6.89
C PHE B 28 -9.86 -7.66 6.31
N GLY B 29 -11.03 -7.09 6.60
CA GLY B 29 -11.36 -5.73 6.17
C GLY B 29 -11.88 -4.94 7.34
N SER B 30 -11.57 -3.64 7.38
CA SER B 30 -12.05 -2.74 8.41
C SER B 30 -12.29 -1.33 7.90
N VAL B 31 -13.17 -0.62 8.60
CA VAL B 31 -13.67 0.68 8.14
C VAL B 31 -13.88 1.62 9.34
N LEU B 32 -13.34 2.84 9.20
CA LEU B 32 -13.47 3.91 10.22
C LEU B 32 -14.58 4.90 9.84
N VAL B 33 -15.54 5.13 10.77
CA VAL B 33 -16.72 5.99 10.47
C VAL B 33 -17.01 6.95 11.63
N ASP B 34 -17.03 8.27 11.35
CA ASP B 34 -17.40 9.32 12.39
C ASP B 34 -18.87 9.31 12.72
N HIS B 35 -19.25 9.97 13.82
CA HIS B 35 -20.67 10.05 14.21
C HIS B 35 -21.60 10.56 13.08
N THR B 36 -21.10 11.54 12.35
CA THR B 36 -21.78 12.08 11.17
C THR B 36 -22.22 11.03 10.16
N GLY B 37 -21.59 9.87 10.15
CA GLY B 37 -21.90 8.81 9.19
C GLY B 37 -20.91 8.85 8.03
N THR B 38 -20.06 9.87 7.97
CA THR B 38 -19.02 9.96 6.93
C THR B 38 -17.85 8.96 7.18
N THR B 39 -17.55 8.14 6.17
CA THR B 39 -16.54 7.11 6.24
C THR B 39 -15.18 7.74 6.04
N LEU B 40 -14.38 7.79 7.10
CA LEU B 40 -13.11 8.52 7.06
C LEU B 40 -11.94 7.71 6.54
N PHE B 41 -11.93 6.40 6.79
CA PHE B 41 -10.83 5.55 6.31
C PHE B 41 -11.25 4.09 6.15
N GLU B 42 -10.77 3.48 5.06
CA GLU B 42 -11.02 2.07 4.75
C GLU B 42 -9.68 1.37 4.57
N ASP B 43 -9.58 0.14 5.08
CA ASP B 43 -8.37 -0.64 4.90
C ASP B 43 -8.64 -2.15 4.97
N ARG B 44 -7.61 -2.89 4.57
CA ARG B 44 -7.61 -4.35 4.59
C ARG B 44 -6.20 -4.85 4.86
N ASN B 45 -6.09 -6.17 5.05
CA ASN B 45 -4.84 -6.86 5.40
C ASN B 45 -3.78 -6.76 4.29
N ARG B 46 -2.51 -6.59 4.70
CA ARG B 46 -1.39 -6.35 3.76
C ARG B 46 -0.09 -7.11 4.16
N VAL B 47 -0.28 -8.32 4.70
CA VAL B 47 0.82 -9.09 5.29
C VAL B 47 1.67 -9.80 4.26
N LYS B 48 1.14 -10.21 3.10
CA LYS B 48 2.02 -10.74 2.01
C LYS B 48 3.28 -9.89 1.79
N ASP B 49 3.09 -8.57 1.58
CA ASP B 49 4.19 -7.65 1.27
C ASP B 49 5.40 -7.81 2.25
N GLY B 50 5.12 -8.53 3.33
CA GLY B 50 6.13 -8.91 4.32
C GLY B 50 5.94 -8.90 5.82
N ASP B 51 5.07 -8.02 6.30
CA ASP B 51 4.88 -7.75 7.74
C ASP B 51 3.60 -8.34 8.30
N ALA B 52 3.72 -9.19 9.32
CA ALA B 52 2.56 -9.85 9.93
C ALA B 52 1.71 -8.94 10.81
N THR B 53 2.24 -7.77 11.16
CA THR B 53 1.47 -6.78 11.91
C THR B 53 0.61 -5.83 11.05
N ALA B 54 0.69 -5.96 9.72
CA ALA B 54 -0.06 -5.09 8.79
C ALA B 54 -1.56 -5.36 8.76
N HIS B 55 -2.23 -5.08 9.89
CA HIS B 55 -3.67 -5.34 10.06
C HIS B 55 -4.38 -4.04 9.83
N PRO B 56 -5.58 -4.09 9.22
CA PRO B 56 -6.31 -2.87 8.93
C PRO B 56 -6.85 -2.14 10.16
N GLU B 57 -7.18 -2.87 11.24
CA GLU B 57 -7.68 -2.28 12.49
C GLU B 57 -6.60 -1.45 13.20
N PHE B 58 -5.35 -1.94 13.14
CA PHE B 58 -4.20 -1.19 13.65
C PHE B 58 -3.91 0.07 12.82
N ALA B 59 -3.91 -0.09 11.49
CA ALA B 59 -3.72 1.02 10.56
C ALA B 59 -4.76 2.13 10.74
N ILE B 60 -5.97 1.75 11.14
CA ILE B 60 -6.99 2.72 11.51
C ILE B 60 -6.60 3.43 12.81
N ALA B 61 -6.15 2.67 13.80
CA ALA B 61 -5.71 3.25 15.08
C ALA B 61 -4.66 4.39 14.95
N ARG B 62 -3.71 4.20 14.04
CA ARG B 62 -2.69 5.20 13.80
C ARG B 62 -3.20 6.34 12.97
N TRP B 63 -3.97 6.02 11.93
CA TRP B 63 -4.70 7.01 11.15
C TRP B 63 -5.59 7.83 12.08
N ALA B 64 -6.27 7.20 13.02
CA ALA B 64 -7.13 7.93 13.96
C ALA B 64 -6.35 8.96 14.80
N ALA B 65 -5.16 8.60 15.26
CA ALA B 65 -4.41 9.56 16.07
C ALA B 65 -3.72 10.68 15.26
N ARG B 66 -3.15 10.38 14.09
CA ARG B 66 -2.54 11.42 13.22
C ARG B 66 -3.56 12.46 12.67
N HIS B 67 -4.80 12.04 12.39
CA HIS B 67 -5.79 12.85 11.62
C HIS B 67 -7.04 13.32 12.39
N LEU B 68 -7.27 12.89 13.63
CA LEU B 68 -8.51 13.29 14.35
C LEU B 68 -8.13 13.98 15.65
N THR B 69 -9.15 14.39 16.40
CA THR B 69 -8.93 14.77 17.80
C THR B 69 -9.57 13.77 18.78
N PRO B 70 -9.00 13.66 20.00
CA PRO B 70 -9.44 12.70 20.99
C PRO B 70 -10.94 12.60 21.15
N ASP B 71 -11.61 13.77 21.14
CA ASP B 71 -13.10 13.84 21.23
C ASP B 71 -13.79 13.23 20.00
N ARG B 72 -13.19 13.41 18.82
CA ARG B 72 -13.69 12.80 17.56
C ARG B 72 -13.53 11.30 17.51
N ARG B 73 -12.41 10.80 18.08
CA ARG B 73 -12.03 9.38 18.15
C ARG B 73 -13.05 8.60 18.94
N ALA B 74 -13.40 9.08 20.13
CA ALA B 74 -14.42 8.45 20.99
C ALA B 74 -15.80 8.45 20.33
N ARG B 75 -16.03 9.52 19.55
CA ARG B 75 -17.17 9.77 18.70
C ARG B 75 -17.28 8.72 17.59
N ALA B 76 -16.14 8.19 17.17
CA ALA B 76 -16.06 7.28 16.02
C ALA B 76 -16.39 5.81 16.32
N THR B 77 -16.62 5.06 15.22
CA THR B 77 -16.86 3.62 15.28
C THR B 77 -15.96 2.95 14.25
N VAL B 78 -15.50 1.75 14.59
CA VAL B 78 -14.66 0.94 13.73
C VAL B 78 -15.40 -0.36 13.45
N TYR B 79 -15.73 -0.59 12.18
CA TYR B 79 -16.30 -1.87 11.75
C TYR B 79 -15.19 -2.79 11.26
N THR B 80 -15.38 -4.08 11.45
CA THR B 80 -14.41 -5.04 10.97
C THR B 80 -15.05 -6.39 10.63
N SER B 81 -14.47 -7.04 9.62
CA SER B 81 -14.92 -8.37 9.17
C SER B 81 -14.75 -9.38 10.30
N GLY B 82 -13.56 -9.39 10.90
CA GLY B 82 -13.26 -10.24 12.04
C GLY B 82 -12.84 -9.45 13.25
N GLU B 83 -13.38 -9.85 14.40
CA GLU B 83 -13.01 -9.29 15.70
C GLU B 83 -11.52 -8.99 15.79
N HIS B 84 -11.22 -7.79 16.29
CA HIS B 84 -9.87 -7.28 16.53
C HIS B 84 -8.99 -8.27 17.30
N CYS B 85 -7.77 -8.51 16.85
CA CYS B 85 -6.87 -9.34 17.64
C CYS B 85 -6.29 -8.46 18.74
N PRO B 86 -5.73 -9.07 19.78
CA PRO B 86 -5.14 -8.30 20.89
C PRO B 86 -4.22 -7.11 20.55
N MET B 87 -3.38 -7.26 19.53
CA MET B 87 -2.60 -6.13 19.03
C MET B 87 -3.51 -4.96 18.65
N CYS B 88 -4.50 -5.27 17.84
CA CYS B 88 -5.41 -4.28 17.29
C CYS B 88 -6.38 -3.65 18.31
N ALA B 89 -6.82 -4.45 19.29
CA ALA B 89 -7.74 -3.99 20.35
C ALA B 89 -7.04 -3.06 21.32
N ALA B 90 -5.82 -3.44 21.66
CA ALA B 90 -4.93 -2.63 22.48
C ALA B 90 -4.65 -1.28 21.81
N ALA B 91 -4.24 -1.32 20.55
CA ALA B 91 -4.01 -0.09 19.78
C ALA B 91 -5.25 0.82 19.78
N HIS B 92 -6.40 0.24 19.42
CA HIS B 92 -7.71 0.95 19.49
C HIS B 92 -7.93 1.66 20.84
N ALA B 93 -7.67 0.95 21.92
CA ALA B 93 -7.84 1.50 23.26
C ALA B 93 -6.81 2.59 23.57
N TRP B 94 -5.55 2.36 23.22
CA TRP B 94 -4.48 3.35 23.48
C TRP B 94 -4.77 4.70 22.83
N VAL B 95 -5.23 4.69 21.58
CA VAL B 95 -5.61 5.94 20.89
C VAL B 95 -7.03 6.42 21.26
N GLY B 96 -7.75 5.69 22.10
CA GLY B 96 -9.03 6.14 22.65
C GLY B 96 -10.14 6.25 21.60
N LEU B 97 -10.16 5.28 20.68
CA LEU B 97 -11.29 5.13 19.77
C LEU B 97 -12.48 4.60 20.54
N GLY B 98 -13.63 4.68 19.88
CA GLY B 98 -14.90 4.39 20.50
C GLY B 98 -15.39 2.99 20.24
N ARG B 99 -16.56 2.90 19.62
CA ARG B 99 -17.23 1.63 19.41
C ARG B 99 -16.46 0.74 18.46
N ILE B 100 -16.63 -0.58 18.65
CA ILE B 100 -16.22 -1.61 17.70
C ILE B 100 -17.42 -2.48 17.33
N VAL B 101 -17.62 -2.70 16.03
CA VAL B 101 -18.60 -3.70 15.59
C VAL B 101 -17.88 -4.71 14.73
N TYR B 102 -18.17 -5.99 14.95
CA TYR B 102 -17.50 -7.09 14.21
C TYR B 102 -18.47 -8.14 13.67
N ALA B 103 -18.16 -8.66 12.48
CA ALA B 103 -19.07 -9.57 11.78
C ALA B 103 -18.90 -10.98 12.28
N THR B 104 -17.66 -11.42 12.44
CA THR B 104 -17.39 -12.66 13.16
C THR B 104 -16.52 -12.41 14.35
N SER B 105 -16.67 -13.25 15.37
CA SER B 105 -15.84 -13.20 16.57
C SER B 105 -14.55 -13.96 16.33
N SER B 106 -13.65 -13.87 17.30
CA SER B 106 -12.43 -14.64 17.27
C SER B 106 -12.68 -16.00 17.86
N ALA B 107 -13.69 -16.09 18.72
CA ALA B 107 -14.16 -17.39 19.17
C ALA B 107 -14.63 -18.20 18.00
N GLN B 108 -15.38 -17.58 17.09
CA GLN B 108 -15.79 -18.22 15.82
C GLN B 108 -14.61 -18.68 14.94
N LEU B 109 -13.64 -17.80 14.76
CA LEU B 109 -12.48 -18.05 13.94
C LEU B 109 -11.63 -19.19 14.48
N GLY B 110 -11.33 -19.17 15.78
CA GLY B 110 -10.50 -20.21 16.37
C GLY B 110 -11.17 -21.57 16.33
N GLY B 111 -12.49 -21.59 16.51
CA GLY B 111 -13.27 -22.83 16.46
C GLY B 111 -13.34 -23.47 15.11
N TRP B 112 -13.36 -22.63 14.07
CA TRP B 112 -13.20 -23.08 12.68
C TRP B 112 -11.80 -23.58 12.38
N LEU B 113 -10.78 -22.84 12.77
CA LEU B 113 -9.41 -23.24 12.49
C LEU B 113 -9.20 -24.62 13.06
N THR B 114 -9.61 -24.84 14.30
CA THR B 114 -9.53 -26.18 14.93
C THR B 114 -10.39 -27.25 14.17
N GLU B 115 -11.58 -26.86 13.73
CA GLU B 115 -12.42 -27.66 12.84
C GLU B 115 -11.66 -28.10 11.57
N TRP B 116 -10.90 -27.18 10.97
CA TRP B 116 -10.16 -27.50 9.77
C TRP B 116 -8.75 -28.09 9.98
N GLY B 117 -8.40 -28.44 11.22
CA GLY B 117 -7.05 -28.90 11.57
C GLY B 117 -5.94 -27.89 11.31
N ALA B 118 -6.28 -26.59 11.29
CA ALA B 118 -5.32 -25.53 11.02
C ALA B 118 -4.51 -25.22 12.24
N GLN B 119 -3.29 -24.75 11.98
CA GLN B 119 -2.43 -24.16 13.00
C GLN B 119 -3.16 -22.99 13.67
N ALA B 120 -3.21 -23.01 15.00
CA ALA B 120 -3.62 -21.83 15.78
C ALA B 120 -2.66 -20.65 15.53
N PRO B 121 -3.20 -19.41 15.49
CA PRO B 121 -2.29 -18.29 15.38
C PRO B 121 -1.38 -18.21 16.62
N PRO B 122 -0.18 -17.62 16.48
CA PRO B 122 0.73 -17.39 17.61
C PRO B 122 0.23 -16.38 18.66
N VAL B 123 -0.78 -15.58 18.32
CA VAL B 123 -1.47 -14.69 19.26
C VAL B 123 -2.84 -15.28 19.59
N ALA B 124 -3.17 -15.28 20.88
CA ALA B 124 -4.36 -15.91 21.41
C ALA B 124 -5.58 -15.14 20.99
N THR B 125 -6.65 -15.88 20.73
CA THR B 125 -7.90 -15.31 20.25
C THR B 125 -8.72 -14.69 21.40
N LEU B 126 -8.18 -13.62 21.99
CA LEU B 126 -8.82 -13.03 23.17
C LEU B 126 -9.90 -12.11 22.69
N PRO B 127 -11.07 -12.13 23.37
CA PRO B 127 -12.07 -11.12 23.13
C PRO B 127 -11.52 -9.73 23.30
N ILE B 128 -12.16 -8.76 22.67
CA ILE B 128 -11.68 -7.41 22.72
C ILE B 128 -11.74 -6.98 24.16
N ASN B 129 -12.88 -7.22 24.82
CA ASN B 129 -13.08 -6.72 26.18
C ASN B 129 -12.10 -7.29 27.24
N THR B 130 -11.50 -8.45 26.97
CA THR B 130 -10.37 -8.94 27.78
C THR B 130 -9.10 -8.05 27.72
N VAL B 131 -8.84 -7.49 26.55
CA VAL B 131 -7.68 -6.62 26.30
C VAL B 131 -8.00 -5.15 26.59
N ALA B 132 -9.14 -4.68 26.10
CA ALA B 132 -9.60 -3.28 26.25
C ALA B 132 -10.96 -3.27 26.96
N PRO B 133 -10.97 -3.29 28.32
CA PRO B 133 -12.19 -3.54 29.07
C PRO B 133 -13.32 -2.54 28.91
N GLY B 134 -12.97 -1.29 28.66
CA GLY B 134 -13.96 -0.21 28.56
C GLY B 134 -14.45 0.16 27.17
N VAL B 135 -14.09 -0.63 26.16
CA VAL B 135 -14.56 -0.39 24.79
C VAL B 135 -15.97 -0.96 24.69
N VAL B 136 -16.83 -0.28 23.94
CA VAL B 136 -18.18 -0.79 23.66
C VAL B 136 -18.07 -1.70 22.44
N VAL B 137 -18.56 -2.93 22.56
CA VAL B 137 -18.37 -3.94 21.53
C VAL B 137 -19.68 -4.61 21.18
N ASP B 138 -20.07 -4.46 19.92
CA ASP B 138 -21.19 -5.19 19.35
C ASP B 138 -20.60 -6.14 18.31
N GLY B 139 -21.37 -7.17 17.97
CA GLY B 139 -20.95 -8.29 17.10
C GLY B 139 -21.25 -9.57 17.84
N PRO B 140 -21.32 -10.74 17.18
CA PRO B 140 -21.14 -10.96 15.72
C PRO B 140 -22.45 -10.84 14.98
N ALA B 141 -22.37 -10.86 13.66
CA ALA B 141 -23.53 -10.74 12.79
C ALA B 141 -23.90 -12.11 12.16
N GLU B 142 -25.08 -12.61 12.51
CA GLU B 142 -25.53 -13.95 12.11
C GLU B 142 -25.66 -14.06 10.59
N GLU B 143 -26.06 -12.94 9.97
CA GLU B 143 -26.23 -12.85 8.50
C GLU B 143 -24.91 -13.12 7.80
N LEU B 144 -23.80 -12.68 8.39
CA LEU B 144 -22.50 -12.80 7.72
C LEU B 144 -21.64 -13.98 8.18
N ALA B 145 -22.21 -14.86 9.01
CA ALA B 145 -21.43 -15.97 9.58
C ALA B 145 -21.01 -16.98 8.52
N GLU B 146 -21.94 -17.42 7.68
CA GLU B 146 -21.64 -18.36 6.59
C GLU B 146 -20.61 -17.79 5.62
N THR B 147 -20.91 -16.58 5.14
CA THR B 147 -20.00 -15.83 4.26
C THR B 147 -18.54 -15.83 4.75
N MET B 148 -18.34 -15.45 6.01
CA MET B 148 -17.02 -15.42 6.64
C MET B 148 -16.43 -16.81 6.92
N HIS B 149 -17.26 -17.76 7.32
CA HIS B 149 -16.79 -19.14 7.40
C HIS B 149 -16.13 -19.56 6.07
N ASN B 150 -16.81 -19.28 4.96
CA ASN B 150 -16.29 -19.70 3.67
C ASN B 150 -15.04 -18.94 3.28
N LEU B 151 -15.07 -17.64 3.50
CA LEU B 151 -13.90 -16.79 3.25
C LEU B 151 -12.70 -17.26 4.03
N TYR B 152 -12.87 -17.49 5.33
CA TYR B 152 -11.76 -17.92 6.18
C TYR B 152 -11.28 -19.27 5.71
N ARG B 153 -12.22 -20.15 5.35
CA ARG B 153 -11.87 -21.48 4.87
C ARG B 153 -10.97 -21.39 3.65
N ALA B 154 -11.34 -20.51 2.72
CA ALA B 154 -10.54 -20.30 1.50
C ALA B 154 -9.05 -20.04 1.77
N LYS B 155 -8.73 -19.31 2.84
CA LYS B 155 -7.33 -19.03 3.19
C LYS B 155 -6.77 -20.08 4.19
N PHE B 156 -7.55 -20.47 5.18
CA PHE B 156 -7.00 -21.22 6.32
C PHE B 156 -7.38 -22.70 6.38
N GLY B 157 -8.21 -23.18 5.44
CA GLY B 157 -8.56 -24.62 5.23
C GLY B 157 -7.68 -25.31 4.12
N ARG B 158 -6.54 -24.71 3.77
CA ARG B 158 -5.77 -25.15 2.60
C ARG B 158 -4.38 -24.53 2.62
N ALA C 1 21.51 4.35 -37.73
CA ALA C 1 22.30 3.36 -36.94
C ALA C 1 21.44 2.49 -36.02
N ILE C 2 20.94 1.37 -36.56
CA ILE C 2 20.35 0.27 -35.78
C ILE C 2 21.22 -0.98 -36.03
N SER C 3 22.22 -1.18 -35.15
CA SER C 3 23.46 -2.02 -35.32
C SER C 3 23.17 -3.52 -35.44
N ASP C 4 24.14 -4.28 -35.98
CA ASP C 4 24.05 -5.75 -36.04
C ASP C 4 23.63 -6.39 -34.71
N ALA C 5 24.19 -5.88 -33.62
CA ALA C 5 23.82 -6.35 -32.29
C ALA C 5 22.35 -6.08 -31.97
N ASP C 6 21.88 -4.84 -32.24
CA ASP C 6 20.47 -4.47 -32.04
C ASP C 6 19.55 -5.42 -32.76
N LEU C 7 19.80 -5.60 -34.06
CA LEU C 7 19.02 -6.54 -34.88
C LEU C 7 18.82 -7.91 -34.20
N LYS C 8 19.91 -8.46 -33.66
CA LYS C 8 19.89 -9.72 -32.91
C LYS C 8 18.78 -9.71 -31.87
N TYR C 9 18.70 -8.63 -31.11
CA TYR C 9 17.66 -8.46 -30.09
C TYR C 9 16.25 -8.19 -30.67
N LEU C 10 16.16 -7.41 -31.75
CA LEU C 10 14.88 -7.15 -32.39
C LEU C 10 14.31 -8.44 -32.97
N ARG C 11 15.17 -9.26 -33.55
CA ARG C 11 14.79 -10.59 -34.05
C ARG C 11 14.20 -11.45 -32.89
N ARG C 12 14.86 -11.39 -31.73
CA ARG C 12 14.37 -12.06 -30.52
C ARG C 12 13.01 -11.55 -30.09
N CYS C 13 12.80 -10.23 -30.19
CA CYS C 13 11.51 -9.60 -29.87
C CYS C 13 10.41 -10.08 -30.82
N VAL C 14 10.77 -10.22 -32.10
CA VAL C 14 9.86 -10.77 -33.09
C VAL C 14 9.49 -12.22 -32.76
N ASP C 15 10.47 -13.02 -32.34
CA ASP C 15 10.22 -14.40 -31.87
C ASP C 15 9.19 -14.39 -30.73
N LEU C 16 9.38 -13.48 -29.77
CA LEU C 16 8.45 -13.28 -28.64
C LEU C 16 7.06 -12.80 -29.07
N ALA C 17 7.02 -11.93 -30.07
CA ALA C 17 5.75 -11.53 -30.63
C ALA C 17 5.06 -12.73 -31.25
N ARG C 18 5.82 -13.58 -31.95
CA ARG C 18 5.26 -14.82 -32.51
C ARG C 18 4.73 -15.69 -31.42
N GLU C 19 5.53 -15.88 -30.38
CA GLU C 19 5.11 -16.68 -29.21
C GLU C 19 3.77 -16.19 -28.64
N ALA C 20 3.63 -14.86 -28.55
CA ALA C 20 2.40 -14.27 -28.05
C ALA C 20 1.22 -14.63 -28.95
N LEU C 21 1.39 -14.42 -30.24
CA LEU C 21 0.37 -14.76 -31.25
C LEU C 21 -0.11 -16.21 -31.12
N ASP C 22 0.84 -17.14 -31.14
CA ASP C 22 0.54 -18.58 -31.04
C ASP C 22 -0.29 -18.93 -29.80
N ASP C 23 0.02 -18.30 -28.66
CA ASP C 23 -0.78 -18.44 -27.42
C ASP C 23 -2.11 -17.64 -27.39
N GLY C 24 -2.44 -16.94 -28.47
CA GLY C 24 -3.74 -16.27 -28.61
C GLY C 24 -3.71 -14.79 -28.28
N ASP C 25 -2.53 -14.26 -28.02
CA ASP C 25 -2.36 -12.86 -27.64
C ASP C 25 -1.96 -12.05 -28.86
N GLU C 26 -1.89 -10.72 -28.67
CA GLU C 26 -1.48 -9.80 -29.72
C GLU C 26 0.03 -9.88 -29.92
N PRO C 27 0.52 -9.78 -31.16
CA PRO C 27 1.95 -10.01 -31.40
C PRO C 27 2.84 -8.80 -31.03
N PHE C 28 3.21 -8.77 -29.77
CA PHE C 28 4.18 -7.79 -29.26
C PHE C 28 5.16 -8.48 -28.33
N GLY C 29 6.46 -8.27 -28.60
CA GLY C 29 7.52 -8.79 -27.78
C GLY C 29 8.45 -7.67 -27.42
N SER C 30 9.02 -7.75 -26.22
CA SER C 30 10.00 -6.77 -25.80
C SER C 30 11.03 -7.38 -24.81
N VAL C 31 12.20 -6.76 -24.79
CA VAL C 31 13.38 -7.35 -24.13
C VAL C 31 14.22 -6.26 -23.46
N LEU C 32 14.53 -6.49 -22.18
CA LEU C 32 15.34 -5.60 -21.36
C LEU C 32 16.79 -6.06 -21.34
N VAL C 33 17.71 -5.17 -21.69
CA VAL C 33 19.12 -5.51 -21.75
C VAL C 33 20.02 -4.46 -21.11
N ASP C 34 20.77 -4.92 -20.12
CA ASP C 34 21.75 -4.13 -19.39
C ASP C 34 22.93 -3.66 -20.24
N HIS C 35 23.59 -2.58 -19.79
CA HIS C 35 24.72 -2.03 -20.54
C HIS C 35 25.80 -3.06 -20.83
N THR C 36 26.02 -4.03 -19.93
CA THR C 36 26.92 -5.18 -20.22
C THR C 36 26.61 -5.96 -21.53
N GLY C 37 25.33 -6.13 -21.83
CA GLY C 37 24.86 -7.05 -22.85
C GLY C 37 24.04 -8.20 -22.29
N THR C 38 24.07 -8.39 -20.97
CA THR C 38 23.29 -9.45 -20.39
C THR C 38 21.79 -9.08 -20.41
N THR C 39 20.99 -10.00 -20.93
CA THR C 39 19.53 -9.84 -21.05
C THR C 39 18.83 -10.09 -19.72
N LEU C 40 18.28 -9.05 -19.12
CA LEU C 40 17.74 -9.15 -17.76
C LEU C 40 16.30 -9.59 -17.71
N PHE C 41 15.49 -9.23 -18.69
CA PHE C 41 14.07 -9.60 -18.67
C PHE C 41 13.46 -9.62 -20.07
N GLU C 42 12.64 -10.65 -20.32
CA GLU C 42 11.97 -10.86 -21.60
C GLU C 42 10.50 -10.98 -21.35
N ASP C 43 9.71 -10.36 -22.20
CA ASP C 43 8.27 -10.45 -22.07
C ASP C 43 7.54 -10.28 -23.39
N ARG C 44 6.25 -10.61 -23.35
CA ARG C 44 5.34 -10.44 -24.48
C ARG C 44 3.94 -10.09 -23.97
N ASN C 45 3.06 -9.74 -24.91
CA ASN C 45 1.67 -9.34 -24.65
C ASN C 45 0.89 -10.44 -23.93
N ARG C 46 0.05 -10.04 -22.97
CA ARG C 46 -0.73 -10.98 -22.13
C ARG C 46 -2.14 -10.46 -21.89
N VAL C 47 -2.76 -9.94 -22.94
CA VAL C 47 -4.10 -9.36 -22.86
C VAL C 47 -5.25 -10.40 -22.58
N LYS C 48 -5.23 -11.55 -23.26
CA LYS C 48 -6.16 -12.65 -22.96
C LYS C 48 -5.82 -13.30 -21.63
N GLY C 50 -4.83 -10.00 -18.37
CA GLY C 50 -6.28 -9.91 -18.43
C GLY C 50 -6.81 -8.53 -18.80
N ASP C 51 -6.14 -7.49 -18.34
CA ASP C 51 -6.47 -6.15 -18.79
C ASP C 51 -5.79 -5.89 -20.16
N ALA C 52 -6.37 -4.94 -20.87
CA ALA C 52 -5.81 -4.48 -22.14
C ALA C 52 -4.47 -3.75 -21.96
N THR C 53 -4.12 -3.44 -20.70
CA THR C 53 -2.85 -2.79 -20.35
C THR C 53 -1.63 -3.73 -20.22
N ALA C 54 -1.84 -5.05 -20.36
CA ALA C 54 -0.77 -6.06 -20.14
C ALA C 54 0.24 -6.10 -21.28
N HIS C 55 0.98 -4.99 -21.44
CA HIS C 55 1.95 -4.82 -22.53
C HIS C 55 3.31 -5.17 -21.95
N PRO C 56 4.17 -5.76 -22.77
CA PRO C 56 5.47 -6.14 -22.28
C PRO C 56 6.29 -4.91 -21.87
N GLU C 57 6.26 -3.87 -22.68
CA GLU C 57 7.12 -2.71 -22.44
C GLU C 57 6.83 -2.08 -21.07
N PHE C 58 5.55 -2.10 -20.68
CA PHE C 58 5.13 -1.64 -19.34
C PHE C 58 5.61 -2.59 -18.24
N ALA C 59 5.44 -3.91 -18.46
CA ALA C 59 5.93 -4.94 -17.53
C ALA C 59 7.44 -4.87 -17.30
N ILE C 60 8.19 -4.44 -18.31
CA ILE C 60 9.60 -4.15 -18.17
C ILE C 60 9.80 -2.92 -17.29
N ALA C 61 9.07 -1.85 -17.55
CA ALA C 61 9.15 -0.63 -16.75
C ALA C 61 9.00 -0.89 -15.24
N ARG C 62 8.08 -1.78 -14.87
CA ARG C 62 7.86 -2.09 -13.45
C ARG C 62 8.88 -3.03 -12.88
N TRP C 63 9.22 -4.05 -13.66
CA TRP C 63 10.38 -4.90 -13.38
C TRP C 63 11.64 -4.05 -13.21
N ALA C 64 11.90 -3.10 -14.10
CA ALA C 64 13.07 -2.21 -13.97
C ALA C 64 13.10 -1.46 -12.63
N ALA C 65 11.96 -0.98 -12.16
CA ALA C 65 11.86 -0.34 -10.84
C ALA C 65 11.94 -1.32 -9.67
N ARG C 66 11.36 -2.50 -9.81
CA ARG C 66 11.39 -3.52 -8.74
C ARG C 66 12.84 -3.94 -8.41
N HIS C 67 13.60 -4.32 -9.44
CA HIS C 67 14.87 -5.03 -9.27
C HIS C 67 16.16 -4.29 -9.58
N LEU C 68 16.11 -3.17 -10.30
CA LEU C 68 17.35 -2.42 -10.69
C LEU C 68 17.49 -1.14 -9.95
N THR C 69 18.68 -0.56 -9.93
CA THR C 69 18.87 0.74 -9.28
C THR C 69 18.73 1.81 -10.37
N PRO C 70 18.35 3.05 -10.00
CA PRO C 70 18.17 4.14 -10.98
C PRO C 70 19.31 4.32 -11.98
N ASP C 71 20.55 4.14 -11.51
CA ASP C 71 21.76 4.21 -12.38
C ASP C 71 21.81 3.09 -13.45
N ARG C 72 21.41 1.88 -13.05
CA ARG C 72 21.32 0.74 -13.95
C ARG C 72 20.28 0.97 -15.04
N ARG C 73 19.13 1.44 -14.63
CA ARG C 73 18.00 1.68 -15.54
C ARG C 73 18.39 2.59 -16.68
N ALA C 74 19.06 3.68 -16.35
CA ALA C 74 19.47 4.65 -17.37
C ALA C 74 20.50 4.08 -18.37
N ARG C 75 21.37 3.20 -17.87
CA ARG C 75 22.37 2.50 -18.68
C ARG C 75 21.78 1.29 -19.45
N ALA C 76 20.52 0.93 -19.20
CA ALA C 76 19.81 -0.15 -19.91
C ALA C 76 19.21 0.27 -21.26
N THR C 77 18.84 -0.73 -22.05
CA THR C 77 18.15 -0.55 -23.33
C THR C 77 16.97 -1.50 -23.37
N VAL C 78 15.90 -1.04 -24.01
CA VAL C 78 14.67 -1.84 -24.19
C VAL C 78 14.43 -2.00 -25.69
N TYR C 79 14.47 -3.25 -26.14
CA TYR C 79 14.09 -3.56 -27.52
C TYR C 79 12.62 -3.96 -27.57
N THR C 80 11.97 -3.66 -28.69
CA THR C 80 10.58 -4.07 -28.87
C THR C 80 10.24 -4.31 -30.34
N SER C 81 9.37 -5.29 -30.58
CA SER C 81 8.87 -5.62 -31.90
C SER C 81 8.16 -4.40 -32.50
N GLY C 82 7.25 -3.82 -31.72
CA GLY C 82 6.54 -2.59 -32.11
C GLY C 82 6.79 -1.43 -31.15
N GLU C 83 7.03 -0.25 -31.72
CA GLU C 83 7.16 1.03 -30.99
C GLU C 83 6.19 1.15 -29.83
N HIS C 84 6.74 1.55 -28.69
CA HIS C 84 6.01 1.73 -27.43
C HIS C 84 4.74 2.58 -27.64
N CYS C 85 3.61 2.16 -27.09
CA CYS C 85 2.43 3.03 -27.08
C CYS C 85 2.59 4.05 -25.94
N PRO C 86 1.81 5.15 -25.99
CA PRO C 86 1.97 6.21 -25.00
C PRO C 86 1.97 5.77 -23.53
N MET C 87 1.17 4.78 -23.19
CA MET C 87 1.21 4.20 -21.86
C MET C 87 2.62 3.73 -21.53
N CYS C 88 3.16 2.94 -22.45
CA CYS C 88 4.45 2.26 -22.28
C CYS C 88 5.68 3.21 -22.33
N ALA C 89 5.58 4.24 -23.16
CA ALA C 89 6.65 5.24 -23.31
C ALA C 89 6.74 6.13 -22.08
N ALA C 90 5.57 6.53 -21.61
CA ALA C 90 5.45 7.28 -20.38
C ALA C 90 6.03 6.49 -19.22
N ALA C 91 5.61 5.23 -19.09
CA ALA C 91 6.10 4.37 -18.02
C ALA C 91 7.62 4.28 -18.06
N HIS C 92 8.16 3.96 -19.23
CA HIS C 92 9.61 3.94 -19.48
C HIS C 92 10.34 5.21 -19.00
N ALA C 93 9.78 6.37 -19.33
CA ALA C 93 10.35 7.65 -18.90
C ALA C 93 10.20 7.86 -17.41
N TRP C 94 9.06 7.54 -16.83
CA TRP C 94 8.83 7.71 -15.38
C TRP C 94 9.84 6.92 -14.53
N VAL C 95 10.08 5.67 -14.90
CA VAL C 95 11.10 4.85 -14.19
C VAL C 95 12.54 5.15 -14.66
N GLY C 96 12.72 6.04 -15.63
CA GLY C 96 14.05 6.53 -16.01
C GLY C 96 14.92 5.49 -16.69
N LEU C 97 14.29 4.67 -17.52
CA LEU C 97 15.01 3.77 -18.40
C LEU C 97 15.68 4.60 -19.50
N GLY C 98 16.58 3.93 -20.23
CA GLY C 98 17.44 4.58 -21.20
C GLY C 98 16.94 4.45 -22.62
N ARG C 99 17.76 3.84 -23.48
CA ARG C 99 17.49 3.74 -24.90
C ARG C 99 16.28 2.86 -25.19
N ILE C 100 15.60 3.17 -26.31
CA ILE C 100 14.59 2.32 -26.91
C ILE C 100 14.97 2.02 -28.36
N VAL C 101 14.89 0.75 -28.75
CA VAL C 101 15.01 0.40 -30.17
C VAL C 101 13.78 -0.39 -30.57
N TYR C 102 13.20 -0.04 -31.72
CA TYR C 102 11.96 -0.68 -32.19
C TYR C 102 12.03 -1.14 -33.62
N ALA C 103 11.40 -2.28 -33.90
CA ALA C 103 11.49 -2.91 -35.23
C ALA C 103 10.48 -2.29 -36.21
N THR C 104 9.22 -2.11 -35.77
CA THR C 104 8.27 -1.29 -36.52
C THR C 104 7.80 -0.12 -35.69
N SER C 105 7.46 0.95 -36.38
CA SER C 105 6.93 2.15 -35.73
C SER C 105 5.45 1.95 -35.47
N SER C 106 4.87 2.87 -34.73
CA SER C 106 3.43 2.87 -34.51
C SER C 106 2.73 3.61 -35.67
N ALA C 107 3.49 4.47 -36.35
CA ALA C 107 3.03 4.98 -37.65
C ALA C 107 2.78 3.84 -38.64
N GLN C 108 3.75 2.93 -38.74
CA GLN C 108 3.62 1.74 -39.61
C GLN C 108 2.37 0.94 -39.27
N LEU C 109 2.18 0.71 -37.98
CA LEU C 109 1.10 -0.13 -37.50
C LEU C 109 -0.26 0.49 -37.77
N GLY C 110 -0.41 1.78 -37.50
CA GLY C 110 -1.70 2.44 -37.71
C GLY C 110 -2.09 2.54 -39.17
N GLY C 111 -1.09 2.73 -40.02
CA GLY C 111 -1.32 2.70 -41.45
C GLY C 111 -1.90 1.33 -41.84
N TRP C 112 -1.25 0.25 -41.42
CA TRP C 112 -1.66 -1.12 -41.78
C TRP C 112 -3.04 -1.54 -41.22
N LEU C 113 -3.38 -1.06 -40.03
CA LEU C 113 -4.70 -1.26 -39.44
C LEU C 113 -5.75 -0.61 -40.29
N THR C 114 -5.48 0.61 -40.72
CA THR C 114 -6.39 1.32 -41.60
C THR C 114 -6.63 0.56 -42.92
N GLU C 115 -5.55 0.03 -43.52
CA GLU C 115 -5.64 -0.83 -44.72
C GLU C 115 -6.65 -1.97 -44.49
N TRP C 116 -6.60 -2.60 -43.31
CA TRP C 116 -7.43 -3.76 -42.96
C TRP C 116 -8.80 -3.38 -42.39
N GLY C 117 -9.15 -2.09 -42.40
CA GLY C 117 -10.41 -1.63 -41.80
C GLY C 117 -10.55 -1.91 -40.30
N ALA C 118 -9.42 -2.09 -39.62
CA ALA C 118 -9.43 -2.47 -38.22
C ALA C 118 -9.82 -1.27 -37.36
N GLN C 119 -10.51 -1.59 -36.26
CA GLN C 119 -11.10 -0.63 -35.33
C GLN C 119 -9.95 0.13 -34.68
N ALA C 120 -9.77 1.40 -35.07
CA ALA C 120 -8.57 2.17 -34.64
C ALA C 120 -8.46 2.23 -33.11
N PRO C 121 -7.23 2.11 -32.57
CA PRO C 121 -7.16 1.96 -31.12
C PRO C 121 -7.66 3.22 -30.38
N PRO C 122 -8.17 3.05 -29.15
CA PRO C 122 -8.59 4.18 -28.30
C PRO C 122 -7.44 5.07 -27.80
N VAL C 123 -6.20 4.59 -27.89
CA VAL C 123 -5.01 5.38 -27.64
C VAL C 123 -4.32 5.72 -28.97
N ALA C 124 -3.90 6.99 -29.11
CA ALA C 124 -3.33 7.50 -30.36
C ALA C 124 -1.93 6.97 -30.55
N THR C 125 -1.59 6.71 -31.81
CA THR C 125 -0.32 6.11 -32.16
C THR C 125 0.71 7.22 -32.18
N LEU C 126 1.08 7.74 -30.99
CA LEU C 126 2.04 8.86 -30.86
C LEU C 126 3.45 8.30 -30.82
N PRO C 127 4.40 8.99 -31.49
CA PRO C 127 5.81 8.61 -31.38
C PRO C 127 6.25 8.67 -29.94
N ILE C 128 7.30 7.94 -29.63
CA ILE C 128 7.78 7.88 -28.27
C ILE C 128 8.20 9.26 -27.88
N ASN C 129 8.95 9.93 -28.73
CA ASN C 129 9.49 11.25 -28.37
C ASN C 129 8.45 12.33 -28.10
N THR C 130 7.26 12.21 -28.69
CA THR C 130 6.14 13.08 -28.34
C THR C 130 5.70 12.96 -26.87
N VAL C 131 5.75 11.74 -26.36
CA VAL C 131 5.36 11.43 -24.96
C VAL C 131 6.54 11.61 -24.01
N ALA C 132 7.70 11.07 -24.40
CA ALA C 132 8.93 11.06 -23.58
C ALA C 132 10.06 11.74 -24.36
N PRO C 133 10.19 13.07 -24.22
CA PRO C 133 11.03 13.85 -25.14
C PRO C 133 12.50 13.59 -25.05
N GLY C 134 12.98 13.21 -23.87
CA GLY C 134 14.41 13.00 -23.65
C GLY C 134 14.93 11.57 -23.76
N VAL C 135 14.09 10.64 -24.22
CA VAL C 135 14.50 9.25 -24.45
C VAL C 135 15.24 9.19 -25.79
N VAL C 136 16.29 8.38 -25.83
CA VAL C 136 17.01 8.16 -27.09
C VAL C 136 16.29 7.03 -27.80
N VAL C 137 15.92 7.26 -29.06
CA VAL C 137 15.07 6.33 -29.82
C VAL C 137 15.65 6.03 -31.19
N ASP C 138 15.97 4.76 -31.42
CA ASP C 138 16.29 4.26 -32.74
C ASP C 138 15.17 3.31 -33.15
N GLY C 139 15.09 3.05 -34.45
CA GLY C 139 14.00 2.29 -35.10
C GLY C 139 13.45 3.13 -36.23
N PRO C 140 12.71 2.57 -37.20
CA PRO C 140 12.38 1.16 -37.34
C PRO C 140 13.46 0.40 -38.11
N ALA C 141 13.33 -0.92 -38.14
CA ALA C 141 14.25 -1.77 -38.86
C ALA C 141 13.63 -2.24 -40.18
N GLU C 142 14.27 -1.87 -41.30
CA GLU C 142 13.77 -2.20 -42.64
C GLU C 142 13.70 -3.70 -42.88
N GLU C 143 14.67 -4.42 -42.32
CA GLU C 143 14.83 -5.88 -42.48
C GLU C 143 13.62 -6.59 -41.88
N LEU C 144 13.06 -6.06 -40.80
CA LEU C 144 11.92 -6.69 -40.15
C LEU C 144 10.54 -6.15 -40.51
N ALA C 145 10.46 -5.21 -41.47
CA ALA C 145 9.19 -4.55 -41.79
C ALA C 145 8.19 -5.53 -42.36
N GLU C 146 8.60 -6.30 -43.37
CA GLU C 146 7.69 -7.26 -44.03
C GLU C 146 7.27 -8.33 -42.98
N THR C 147 8.23 -8.88 -42.24
CA THR C 147 7.95 -9.85 -41.16
C THR C 147 6.86 -9.39 -40.19
N MET C 148 7.00 -8.17 -39.70
CA MET C 148 6.01 -7.60 -38.80
C MET C 148 4.68 -7.29 -39.50
N HIS C 149 4.73 -6.83 -40.74
CA HIS C 149 3.52 -6.58 -41.47
C HIS C 149 2.69 -7.85 -41.50
N ASN C 150 3.37 -8.98 -41.72
CA ASN C 150 2.70 -10.28 -41.78
C ASN C 150 2.20 -10.77 -40.45
N LEU C 151 3.04 -10.63 -39.44
CA LEU C 151 2.63 -10.90 -38.08
C LEU C 151 1.39 -10.09 -37.65
N TYR C 152 1.41 -8.78 -37.86
CA TYR C 152 0.29 -7.93 -37.47
C TYR C 152 -0.93 -8.35 -38.24
N ARG C 153 -0.75 -8.65 -39.54
CA ARG C 153 -1.85 -9.11 -40.40
C ARG C 153 -2.52 -10.36 -39.81
N ALA C 154 -1.70 -11.32 -39.39
CA ALA C 154 -2.21 -12.54 -38.80
C ALA C 154 -3.22 -12.28 -37.70
N LYS C 155 -3.02 -11.21 -36.91
CA LYS C 155 -3.93 -10.86 -35.81
C LYS C 155 -4.90 -9.73 -36.09
N PHE C 156 -4.59 -8.83 -37.01
CA PHE C 156 -5.46 -7.67 -37.23
C PHE C 156 -6.03 -7.53 -38.63
N GLY C 157 -5.68 -8.43 -39.54
CA GLY C 157 -6.20 -8.41 -40.93
C GLY C 157 -7.62 -8.83 -40.98
N ARG C 158 -8.38 -8.37 -41.97
CA ARG C 158 -9.85 -8.42 -41.91
C ARG C 158 -10.55 -8.23 -43.27
N ALA D 1 -18.05 21.88 -17.54
CA ALA D 1 -19.17 21.32 -16.74
C ALA D 1 -18.64 20.71 -15.46
N ILE D 2 -18.33 21.60 -14.51
CA ILE D 2 -17.96 21.21 -13.19
C ILE D 2 -19.22 21.41 -12.37
N SER D 3 -20.03 20.34 -12.30
CA SER D 3 -21.23 20.40 -11.47
C SER D 3 -20.88 20.39 -9.98
N ASP D 4 -21.81 20.89 -9.19
CA ASP D 4 -21.68 20.82 -7.72
C ASP D 4 -21.27 19.43 -7.23
N ALA D 5 -21.87 18.40 -7.81
CA ALA D 5 -21.57 17.02 -7.45
C ALA D 5 -20.13 16.69 -7.75
N ASP D 6 -19.66 17.07 -8.94
CA ASP D 6 -18.27 16.85 -9.35
C ASP D 6 -17.31 17.45 -8.34
N LEU D 7 -17.55 18.72 -8.01
CA LEU D 7 -16.73 19.42 -7.01
C LEU D 7 -16.54 18.63 -5.74
N LYS D 8 -17.63 18.07 -5.22
CA LYS D 8 -17.59 17.23 -4.01
C LYS D 8 -16.51 16.16 -4.13
N TYR D 9 -16.47 15.49 -5.29
CA TYR D 9 -15.47 14.45 -5.56
C TYR D 9 -14.06 15.01 -5.76
N LEU D 10 -13.95 16.15 -6.43
CA LEU D 10 -12.63 16.80 -6.63
C LEU D 10 -12.02 17.25 -5.29
N ARG D 11 -12.84 17.80 -4.40
CA ARG D 11 -12.41 18.16 -3.06
C ARG D 11 -11.87 16.92 -2.35
N ARG D 12 -12.56 15.80 -2.53
CA ARG D 12 -12.14 14.50 -1.97
C ARG D 12 -10.79 14.05 -2.54
N CYS D 13 -10.59 14.25 -3.83
CA CYS D 13 -9.32 13.97 -4.48
C CYS D 13 -8.20 14.83 -3.91
N VAL D 14 -8.51 16.10 -3.65
CA VAL D 14 -7.55 17.02 -3.07
C VAL D 14 -7.18 16.56 -1.66
N ASP D 15 -8.18 16.14 -0.87
CA ASP D 15 -7.92 15.56 0.46
C ASP D 15 -6.93 14.41 0.34
N LEU D 16 -7.16 13.55 -0.66
CA LEU D 16 -6.27 12.42 -0.95
C LEU D 16 -4.87 12.84 -1.40
N ALA D 17 -4.80 13.92 -2.18
CA ALA D 17 -3.50 14.47 -2.58
C ALA D 17 -2.74 15.03 -1.38
N ARG D 18 -3.47 15.67 -0.47
CA ARG D 18 -2.92 16.11 0.82
C ARG D 18 -2.41 14.95 1.65
N GLU D 19 -3.20 13.87 1.74
CA GLU D 19 -2.81 12.63 2.44
C GLU D 19 -1.50 12.06 1.87
N ALA D 20 -1.38 12.04 0.55
CA ALA D 20 -0.17 11.58 -0.11
C ALA D 20 1.08 12.39 0.25
N LEU D 21 0.99 13.72 0.07
CA LEU D 21 2.01 14.70 0.51
C LEU D 21 2.47 14.42 1.94
N ASP D 22 1.53 14.43 2.87
CA ASP D 22 1.84 14.24 4.30
C ASP D 22 2.65 12.96 4.53
N ASP D 23 2.24 11.89 3.86
CA ASP D 23 2.93 10.60 3.99
C ASP D 23 4.27 10.54 3.21
N GLY D 24 4.65 11.62 2.52
CA GLY D 24 5.94 11.71 1.81
C GLY D 24 5.88 11.49 0.31
N ASP D 25 4.68 11.33 -0.21
CA ASP D 25 4.47 11.12 -1.62
C ASP D 25 4.15 12.41 -2.33
N GLU D 26 4.05 12.34 -3.66
CA GLU D 26 3.64 13.47 -4.49
C GLU D 26 2.13 13.70 -4.37
N PRO D 27 1.68 14.97 -4.32
CA PRO D 27 0.26 15.24 -4.09
C PRO D 27 -0.64 14.99 -5.31
N PHE D 28 -1.04 13.73 -5.45
CA PHE D 28 -2.03 13.32 -6.44
C PHE D 28 -3.04 12.36 -5.81
N GLY D 29 -4.32 12.67 -5.99
CA GLY D 29 -5.42 11.84 -5.50
C GLY D 29 -6.42 11.61 -6.62
N SER D 30 -7.01 10.41 -6.64
CA SER D 30 -8.02 10.06 -7.62
C SER D 30 -9.07 9.13 -7.06
N VAL D 31 -10.24 9.17 -7.68
CA VAL D 31 -11.43 8.49 -7.15
C VAL D 31 -12.29 7.93 -8.29
N LEU D 32 -12.67 6.66 -8.17
CA LEU D 32 -13.51 5.94 -9.15
C LEU D 32 -14.97 5.88 -8.68
N VAL D 33 -15.90 6.35 -9.52
CA VAL D 33 -17.33 6.44 -9.13
C VAL D 33 -18.26 5.91 -10.24
N ASP D 34 -19.09 4.90 -9.93
CA ASP D 34 -20.11 4.38 -10.90
C ASP D 34 -21.26 5.34 -11.13
N HIS D 35 -22.05 5.06 -12.16
CA HIS D 35 -23.18 5.94 -12.53
C HIS D 35 -24.15 6.24 -11.37
N THR D 36 -24.49 5.20 -10.62
CA THR D 36 -25.43 5.25 -9.51
C THR D 36 -24.67 5.79 -8.30
N GLY D 37 -23.94 6.88 -8.45
CA GLY D 37 -23.16 7.51 -7.39
C GLY D 37 -22.26 6.83 -6.36
N THR D 38 -22.19 5.52 -6.33
CA THR D 38 -21.38 4.77 -5.37
C THR D 38 -19.89 4.89 -5.75
N THR D 39 -19.07 5.28 -4.77
CA THR D 39 -17.62 5.39 -4.91
C THR D 39 -16.97 4.01 -4.77
N LEU D 40 -16.48 3.49 -5.88
CA LEU D 40 -15.98 2.12 -5.91
C LEU D 40 -14.53 1.97 -5.47
N PHE D 41 -13.70 2.97 -5.75
CA PHE D 41 -12.28 2.89 -5.39
C PHE D 41 -11.64 4.25 -5.24
N GLU D 42 -10.79 4.39 -4.21
CA GLU D 42 -10.07 5.63 -3.92
C GLU D 42 -8.59 5.30 -3.86
N ASP D 43 -7.76 6.19 -4.39
CA ASP D 43 -6.32 6.02 -4.30
C ASP D 43 -5.56 7.34 -4.39
N ARG D 44 -4.28 7.24 -4.08
CA ARG D 44 -3.34 8.35 -4.15
C ARG D 44 -1.95 7.83 -4.53
N ASN D 45 -1.04 8.78 -4.77
CA ASN D 45 0.33 8.51 -5.23
C ASN D 45 1.16 7.72 -4.19
N ARG D 46 1.98 6.78 -4.68
CA ARG D 46 2.76 5.86 -3.83
C ARG D 46 4.20 5.62 -4.35
N VAL D 47 4.80 6.66 -4.92
CA VAL D 47 6.09 6.56 -5.59
C VAL D 47 7.24 6.53 -4.61
N LYS D 48 7.12 7.16 -3.44
CA LYS D 48 8.18 7.06 -2.39
C LYS D 48 8.61 5.60 -2.17
N ASP D 49 7.66 4.66 -2.00
CA ASP D 49 7.95 3.25 -1.71
C ASP D 49 8.97 2.64 -2.72
N GLY D 50 9.09 3.31 -3.87
CA GLY D 50 10.06 2.95 -4.90
C GLY D 50 9.82 3.10 -6.40
N ASP D 51 8.58 3.01 -6.83
CA ASP D 51 8.17 3.00 -8.24
C ASP D 51 7.54 4.30 -8.71
N ALA D 52 8.10 4.89 -9.76
CA ALA D 52 7.60 6.16 -10.30
C ALA D 52 6.28 6.04 -11.09
N THR D 53 5.90 4.81 -11.46
CA THR D 53 4.63 4.55 -12.15
C THR D 53 3.44 4.38 -11.22
N ALA D 54 3.68 4.39 -9.90
CA ALA D 54 2.61 4.16 -8.89
C ALA D 54 1.64 5.37 -8.77
N HIS D 55 0.87 5.61 -9.84
CA HIS D 55 -0.07 6.73 -9.92
C HIS D 55 -1.44 6.18 -9.61
N PRO D 56 -2.28 6.98 -8.92
CA PRO D 56 -3.60 6.51 -8.53
C PRO D 56 -4.57 6.32 -9.70
N GLU D 57 -4.41 7.11 -10.78
CA GLU D 57 -5.26 7.00 -11.98
C GLU D 57 -5.01 5.68 -12.72
N PHE D 58 -3.76 5.25 -12.77
CA PHE D 58 -3.38 3.95 -13.35
C PHE D 58 -3.91 2.79 -12.50
N ALA D 59 -3.69 2.88 -11.17
CA ALA D 59 -4.21 1.88 -10.23
C ALA D 59 -5.73 1.71 -10.32
N ILE D 60 -6.44 2.79 -10.65
CA ILE D 60 -7.87 2.70 -10.93
C ILE D 60 -8.11 1.93 -12.22
N ALA D 61 -7.37 2.26 -13.28
CA ALA D 61 -7.50 1.57 -14.57
C ALA D 61 -7.40 0.03 -14.47
N ARG D 62 -6.49 -0.46 -13.63
CA ARG D 62 -6.35 -1.88 -13.44
C ARG D 62 -7.44 -2.42 -12.54
N TRP D 63 -7.73 -1.71 -11.45
CA TRP D 63 -8.87 -2.04 -10.59
C TRP D 63 -10.15 -2.10 -11.43
N ALA D 64 -10.32 -1.13 -12.32
CA ALA D 64 -11.49 -1.12 -13.18
C ALA D 64 -11.62 -2.40 -13.98
N ALA D 65 -10.56 -2.86 -14.64
CA ALA D 65 -10.66 -4.05 -15.49
C ALA D 65 -10.80 -5.34 -14.66
N ARG D 66 -10.08 -5.49 -13.54
CA ARG D 66 -10.19 -6.71 -12.68
C ARG D 66 -11.59 -6.85 -12.02
N HIS D 67 -12.28 -5.72 -11.73
CA HIS D 67 -13.50 -5.75 -10.90
C HIS D 67 -14.80 -5.27 -11.55
N LEU D 68 -14.79 -4.82 -12.81
CA LEU D 68 -16.03 -4.32 -13.47
C LEU D 68 -16.32 -4.97 -14.83
N THR D 69 -17.53 -4.75 -15.35
CA THR D 69 -17.91 -5.23 -16.67
C THR D 69 -17.58 -4.07 -17.62
N PRO D 70 -17.15 -4.37 -18.86
CA PRO D 70 -16.84 -3.32 -19.86
C PRO D 70 -17.90 -2.24 -20.02
N ASP D 71 -19.17 -2.66 -19.92
CA ASP D 71 -20.31 -1.73 -19.92
C ASP D 71 -20.34 -0.84 -18.66
N ARG D 72 -19.97 -1.39 -17.50
CA ARG D 72 -19.87 -0.60 -16.23
C ARG D 72 -18.79 0.44 -16.24
N ARG D 73 -17.65 0.10 -16.86
CA ARG D 73 -16.46 0.97 -16.98
C ARG D 73 -16.79 2.23 -17.74
N ALA D 74 -17.48 2.09 -18.87
CA ALA D 74 -17.86 3.26 -19.71
C ALA D 74 -18.88 4.17 -19.01
N ARG D 75 -19.70 3.54 -18.18
CA ARG D 75 -20.67 4.22 -17.33
C ARG D 75 -20.03 4.90 -16.12
N ALA D 76 -18.80 4.54 -15.78
CA ALA D 76 -18.06 5.16 -14.67
C ALA D 76 -17.40 6.52 -14.97
N THR D 77 -17.01 7.20 -13.90
CA THR D 77 -16.26 8.47 -13.97
C THR D 77 -15.06 8.38 -13.03
N VAL D 78 -13.97 9.01 -13.43
CA VAL D 78 -12.74 9.07 -12.65
C VAL D 78 -12.44 10.53 -12.35
N TYR D 79 -12.47 10.88 -11.07
CA TYR D 79 -12.06 12.20 -10.63
C TYR D 79 -10.58 12.19 -10.25
N THR D 80 -9.90 13.31 -10.46
CA THR D 80 -8.51 13.42 -10.07
C THR D 80 -8.11 14.85 -9.74
N SER D 81 -7.19 14.95 -8.78
CA SER D 81 -6.64 16.25 -8.34
C SER D 81 -5.93 16.94 -9.51
N GLY D 82 -5.06 16.20 -10.18
CA GLY D 82 -4.35 16.68 -11.36
C GLY D 82 -4.64 15.84 -12.58
N GLU D 83 -4.88 16.51 -13.70
CA GLU D 83 -5.06 15.88 -15.01
C GLU D 83 -4.12 14.70 -15.21
N HIS D 84 -4.70 13.61 -15.71
CA HIS D 84 -4.01 12.33 -16.00
C HIS D 84 -2.76 12.56 -16.84
N CYS D 85 -1.65 11.94 -16.47
CA CYS D 85 -0.47 12.01 -17.35
C CYS D 85 -0.67 10.99 -18.47
N PRO D 86 0.09 11.12 -19.56
CA PRO D 86 -0.04 10.19 -20.69
C PRO D 86 -0.07 8.70 -20.38
N MET D 87 0.72 8.24 -19.42
CA MET D 87 0.63 6.86 -18.95
C MET D 87 -0.79 6.53 -18.48
N CYS D 88 -1.30 7.39 -17.61
CA CYS D 88 -2.59 7.21 -16.97
C CYS D 88 -3.80 7.38 -17.90
N ALA D 89 -3.69 8.31 -18.86
CA ALA D 89 -4.77 8.57 -19.86
C ALA D 89 -4.89 7.43 -20.87
N ALA D 90 -3.73 6.94 -21.29
CA ALA D 90 -3.64 5.77 -22.13
C ALA D 90 -4.25 4.53 -21.46
N ALA D 91 -3.84 4.27 -20.22
CA ALA D 91 -4.39 3.15 -19.44
C ALA D 91 -5.91 3.25 -19.32
N HIS D 92 -6.40 4.40 -18.89
CA HIS D 92 -7.85 4.72 -18.85
C HIS D 92 -8.58 4.37 -20.18
N ALA D 93 -8.00 4.78 -21.31
CA ALA D 93 -8.57 4.50 -22.61
C ALA D 93 -8.50 3.01 -22.97
N TRP D 94 -7.37 2.36 -22.70
CA TRP D 94 -7.20 0.92 -23.01
C TRP D 94 -8.24 0.05 -22.30
N VAL D 95 -8.48 0.31 -21.02
CA VAL D 95 -9.54 -0.40 -20.27
C VAL D 95 -10.96 0.14 -20.54
N GLY D 96 -11.09 1.20 -21.35
CA GLY D 96 -12.40 1.68 -21.78
C GLY D 96 -13.24 2.29 -20.68
N LEU D 97 -12.58 3.03 -19.78
CA LEU D 97 -13.27 3.83 -18.79
C LEU D 97 -13.90 5.02 -19.48
N GLY D 98 -14.78 5.67 -18.74
CA GLY D 98 -15.63 6.72 -19.29
C GLY D 98 -15.08 8.11 -19.03
N ARG D 99 -15.86 8.91 -18.33
CA ARG D 99 -15.55 10.33 -18.11
C ARG D 99 -14.32 10.50 -17.24
N ILE D 100 -13.62 11.62 -17.45
CA ILE D 100 -12.59 12.12 -16.56
C ILE D 100 -12.93 13.53 -16.13
N VAL D 101 -12.84 13.80 -14.83
CA VAL D 101 -12.90 15.19 -14.36
C VAL D 101 -11.63 15.48 -13.57
N TYR D 102 -11.04 16.65 -13.80
CA TYR D 102 -9.79 17.04 -13.14
C TYR D 102 -9.83 18.45 -12.54
N ALA D 103 -9.19 18.62 -11.39
CA ALA D 103 -9.23 19.88 -10.66
C ALA D 103 -8.21 20.87 -11.22
N THR D 104 -7.00 20.41 -11.47
CA THR D 104 -6.04 21.21 -12.26
C THR D 104 -5.61 20.49 -13.51
N SER D 105 -5.29 21.27 -14.54
CA SER D 105 -4.77 20.73 -15.77
C SER D 105 -3.28 20.46 -15.65
N SER D 106 -2.71 19.84 -16.67
CA SER D 106 -1.29 19.63 -16.74
C SER D 106 -0.65 20.84 -17.33
N ALA D 107 -1.41 21.59 -18.12
CA ALA D 107 -0.96 22.91 -18.57
C ALA D 107 -0.69 23.77 -17.36
N GLN D 108 -1.61 23.75 -16.38
CA GLN D 108 -1.44 24.49 -15.11
C GLN D 108 -0.20 24.09 -14.30
N LEU D 109 0.00 22.78 -14.19
CA LEU D 109 1.11 22.20 -13.48
C LEU D 109 2.48 22.53 -14.13
N GLY D 110 2.60 22.37 -15.43
CA GLY D 110 3.85 22.64 -16.11
C GLY D 110 4.23 24.12 -16.09
N GLY D 111 3.24 24.99 -16.18
CA GLY D 111 3.44 26.43 -16.10
C GLY D 111 3.92 26.92 -14.75
N TRP D 112 3.42 26.25 -13.69
CA TRP D 112 3.89 26.45 -12.32
C TRP D 112 5.31 25.93 -12.13
N LEU D 113 5.57 24.71 -12.56
CA LEU D 113 6.89 24.15 -12.40
C LEU D 113 7.90 25.09 -13.01
N THR D 114 7.64 25.57 -14.22
CA THR D 114 8.51 26.58 -14.87
C THR D 114 8.60 27.91 -14.08
N GLU D 115 7.47 28.37 -13.55
CA GLU D 115 7.41 29.50 -12.63
C GLU D 115 8.37 29.31 -11.45
N TRP D 116 8.40 28.11 -10.89
CA TRP D 116 9.26 27.82 -9.74
C TRP D 116 10.69 27.37 -10.07
N GLY D 117 11.08 27.43 -11.34
CA GLY D 117 12.39 26.93 -11.79
C GLY D 117 12.61 25.44 -11.60
N ALA D 118 11.51 24.67 -11.51
CA ALA D 118 11.58 23.24 -11.27
C ALA D 118 11.91 22.51 -12.55
N GLN D 119 12.56 21.38 -12.36
CA GLN D 119 12.79 20.43 -13.43
C GLN D 119 11.45 20.01 -14.01
N ALA D 120 11.32 20.07 -15.33
CA ALA D 120 10.20 19.43 -16.06
C ALA D 120 10.17 17.92 -15.85
N PRO D 121 8.95 17.32 -15.76
CA PRO D 121 8.94 15.87 -15.67
C PRO D 121 9.48 15.23 -16.95
N PRO D 122 10.02 14.00 -16.85
CA PRO D 122 10.51 13.27 -18.03
C PRO D 122 9.39 12.86 -19.02
N VAL D 123 8.13 12.89 -18.58
CA VAL D 123 6.98 12.67 -19.45
C VAL D 123 6.29 14.02 -19.71
N ALA D 124 5.96 14.25 -20.97
CA ALA D 124 5.41 15.53 -21.43
C ALA D 124 4.01 15.70 -20.92
N THR D 125 3.68 16.95 -20.61
CA THR D 125 2.39 17.32 -20.04
C THR D 125 1.30 17.39 -21.12
N LEU D 126 0.99 16.25 -21.73
CA LEU D 126 0.04 16.22 -22.82
C LEU D 126 -1.35 16.22 -22.25
N PRO D 127 -2.28 16.99 -22.85
CA PRO D 127 -3.68 16.86 -22.50
C PRO D 127 -4.17 15.44 -22.70
N ILE D 128 -5.25 15.10 -22.01
CA ILE D 128 -5.77 13.75 -22.05
C ILE D 128 -6.20 13.48 -23.47
N ASN D 129 -6.95 14.41 -24.04
CA ASN D 129 -7.50 14.20 -25.39
C ASN D 129 -6.48 14.04 -26.51
N THR D 130 -5.26 14.53 -26.32
CA THR D 130 -4.12 14.21 -27.21
C THR D 130 -3.73 12.70 -27.21
N VAL D 131 -3.80 12.07 -26.04
CA VAL D 131 -3.45 10.68 -25.86
C VAL D 131 -4.65 9.77 -26.12
N ALA D 132 -5.78 10.13 -25.52
CA ALA D 132 -7.04 9.36 -25.61
C ALA D 132 -8.11 10.27 -26.22
N PRO D 133 -8.20 10.31 -27.57
CA PRO D 133 -9.06 11.29 -28.25
C PRO D 133 -10.56 11.22 -27.97
N GLY D 134 -11.08 10.03 -27.69
CA GLY D 134 -12.51 9.82 -27.50
C GLY D 134 -13.02 9.82 -26.07
N VAL D 135 -12.18 10.19 -25.11
CA VAL D 135 -12.59 10.28 -23.71
C VAL D 135 -13.30 11.62 -23.53
N VAL D 136 -14.35 11.63 -22.69
CA VAL D 136 -15.03 12.88 -22.34
C VAL D 136 -14.28 13.47 -21.17
N VAL D 137 -13.87 14.73 -21.29
CA VAL D 137 -12.99 15.37 -20.31
C VAL D 137 -13.54 16.71 -19.87
N ASP D 138 -13.84 16.82 -18.58
CA ASP D 138 -14.19 18.09 -17.95
C ASP D 138 -13.05 18.40 -16.97
N GLY D 139 -12.95 19.68 -16.60
CA GLY D 139 -11.83 20.24 -15.82
C GLY D 139 -11.27 21.43 -16.59
N PRO D 140 -10.53 22.36 -15.94
CA PRO D 140 -10.15 22.39 -14.51
C PRO D 140 -11.19 23.11 -13.65
N ALA D 141 -11.05 23.03 -12.35
CA ALA D 141 -11.94 23.68 -11.41
C ALA D 141 -11.27 24.95 -10.83
N GLU D 142 -11.87 26.10 -11.11
CA GLU D 142 -11.32 27.43 -10.70
C GLU D 142 -11.27 27.54 -9.19
N GLU D 143 -12.21 26.91 -8.52
CA GLU D 143 -12.32 26.95 -7.06
C GLU D 143 -11.09 26.30 -6.43
N LEU D 144 -10.55 25.27 -7.06
CA LEU D 144 -9.44 24.49 -6.48
C LEU D 144 -8.05 24.85 -7.01
N ALA D 145 -7.96 25.90 -7.83
CA ALA D 145 -6.71 26.26 -8.47
C ALA D 145 -5.68 26.72 -7.46
N GLU D 146 -6.06 27.65 -6.58
CA GLU D 146 -5.13 28.15 -5.55
C GLU D 146 -4.66 27.03 -4.65
N THR D 147 -5.63 26.27 -4.13
CA THR D 147 -5.36 25.10 -3.29
C THR D 147 -4.28 24.15 -3.87
N MET D 148 -4.47 23.77 -5.14
CA MET D 148 -3.53 22.90 -5.86
C MET D 148 -2.21 23.60 -6.23
N HIS D 149 -2.25 24.88 -6.57
CA HIS D 149 -1.01 25.65 -6.71
C HIS D 149 -0.15 25.49 -5.44
N ASN D 150 -0.78 25.66 -4.26
CA ASN D 150 -0.02 25.63 -3.01
C ASN D 150 0.46 24.27 -2.68
N LEU D 151 -0.40 23.30 -2.90
CA LEU D 151 -0.03 21.88 -2.71
C LEU D 151 1.14 21.48 -3.59
N TYR D 152 1.07 21.80 -4.88
CA TYR D 152 2.13 21.44 -5.81
C TYR D 152 3.40 22.15 -5.44
N ARG D 153 3.29 23.42 -5.04
CA ARG D 153 4.43 24.20 -4.60
C ARG D 153 5.12 23.50 -3.44
N ALA D 154 4.36 23.04 -2.46
CA ALA D 154 4.91 22.33 -1.30
C ALA D 154 5.85 21.19 -1.64
N LYS D 155 5.55 20.46 -2.72
CA LYS D 155 6.42 19.37 -3.18
C LYS D 155 7.46 19.85 -4.22
N PHE D 156 7.04 20.66 -5.17
CA PHE D 156 7.85 20.89 -6.37
C PHE D 156 8.50 22.28 -6.45
N GLY D 157 8.23 23.16 -5.47
CA GLY D 157 8.93 24.46 -5.27
C GLY D 157 10.18 24.22 -4.34
N ARG D 158 10.66 22.96 -4.29
CA ARG D 158 11.59 22.44 -3.26
C ARG D 158 13.05 22.83 -3.50
C1 5AZ E . 4.85 1.04 27.02
N2 5AZ E . 5.05 -0.27 27.31
C3 5AZ E . 4.16 -0.99 28.04
N4 5AZ E . 3.00 -0.41 28.47
C5 5AZ E . 2.79 0.90 28.20
N6 5AZ E . 3.69 1.62 27.49
N7 5AZ E . 4.40 -2.31 28.30
O8 5AZ E . 5.71 1.70 26.34
ZN ZN F . 3.09 -1.87 24.41
C1 GOL G . -0.82 4.83 32.55
O1 GOL G . -2.10 5.40 32.22
C2 GOL G . -0.12 4.31 31.28
O2 GOL G . 0.30 5.39 30.40
C3 GOL G . 1.07 3.45 31.70
O3 GOL G . 1.56 2.73 30.58
C1 5AZ H . -5.89 -9.20 10.83
N2 5AZ H . -6.68 -8.84 11.85
C3 5AZ H . -6.86 -9.70 12.88
N4 5AZ H . -6.26 -10.93 12.91
C5 5AZ H . -5.48 -11.30 11.88
N6 5AZ H . -5.30 -10.43 10.86
N7 5AZ H . -7.65 -9.29 13.89
O8 5AZ H . -5.72 -8.40 9.87
ZN ZN I . -4.83 -7.47 14.61
C1 GOL J . -3.92 -18.90 10.65
O1 GOL J . -3.44 -20.19 11.06
C2 GOL J . -3.64 -17.77 11.67
O2 GOL J . -2.29 -17.29 11.49
C3 GOL J . -4.74 -16.67 11.57
O3 GOL J . -4.32 -15.30 11.74
C1 5AZ K . 0.88 -3.47 -27.07
N2 5AZ K . 2.02 -2.81 -27.39
C3 5AZ K . 1.99 -1.65 -28.10
N4 5AZ K . 0.79 -1.14 -28.48
C5 5AZ K . -0.36 -1.80 -28.18
N6 5AZ K . -0.33 -2.96 -27.49
N7 5AZ K . 3.15 -1.00 -28.39
O8 5AZ K . 0.93 -4.55 -26.43
ZN ZN L . 1.83 0.00 -24.45
C1 GOL M . -5.30 -2.92 -31.45
O1 GOL M . -6.31 -1.91 -31.56
C2 GOL M . -4.04 -2.41 -30.75
O2 GOL M . -3.36 -3.47 -30.09
C3 GOL M . -3.06 -1.76 -31.73
O3 GOL M . -2.07 -0.98 -31.01
C1 5AZ N . 0.97 11.31 -10.59
N2 5AZ N . 0.02 11.52 -11.53
C3 5AZ N . 0.32 12.29 -12.60
N4 5AZ N . 1.58 12.81 -12.76
C5 5AZ N . 2.54 12.59 -11.82
N6 5AZ N . 2.23 11.84 -10.74
N7 5AZ N . -0.67 12.47 -13.52
O8 5AZ N . 0.66 10.60 -9.60
ZN ZN O . -0.03 9.13 -14.41
C1 GOL P . 8.66 16.06 -11.54
O1 GOL P . 9.65 15.12 -11.99
C2 GOL P . 7.33 15.30 -11.56
O2 GOL P . 7.27 14.41 -10.44
C3 GOL P . 6.07 16.17 -11.55
O3 GOL P . 4.94 15.29 -11.63
C ACT Q . -12.01 20.09 -21.81
O ACT Q . -13.22 20.29 -21.52
OXT ACT Q . -11.12 20.27 -20.96
CH3 ACT Q . -11.67 19.59 -23.19
#